data_8TTA
#
_entry.id   8TTA
#
_cell.length_a   123.730
_cell.length_b   165.577
_cell.length_c   68.000
_cell.angle_alpha   90.00
_cell.angle_beta   117.51
_cell.angle_gamma   90.00
#
_symmetry.space_group_name_H-M   'C 1 2 1'
#
loop_
_entity.id
_entity.type
_entity.pdbx_description
1 polymer 'Vacuolar protein sorting-associated protein 29'
2 polymer 'Vacuolar protein sorting-associated protein 35'
3 polymer SER-ASN-ILE-PHE-ASP-ASP-PRO-LEU-ASN-ALA-PHE-GLY-GLY-GLN
4 non-polymer GLYCEROL
5 non-polymer DI(HYDROXYETHYL)ETHER
6 non-polymer 'ACETATE ION'
7 water water
#
loop_
_entity_poly.entity_id
_entity_poly.type
_entity_poly.pdbx_seq_one_letter_code
_entity_poly.pdbx_strand_id
1 'polypeptide(L)'
;GSPEFGTRDRMLVLVLGDLHIPHRCNSLPAKFKKLLVPGKIQHILCTGNLCTKESYDYLKTLAGDVHIVRGDFDENLNYP
EQKVVTVGQFKIGLIHGHQVIPWGDMASLALLQRQFDVDILISGHTHKFEAFEHENKFYINPGSATGAYNALETNIIPSF
VLMDIQASTVVTYVYQLIGDDVKVERIEYKKS
;
A,C
2 'polypeptide(L)'
;DFADEQSLVGRFIHLLRSDDPDQQYLILNTARKHFGAGGNQRIRFTLPPLVFAAYQLAFRYKENSQMDDKWEKKCQKIFS
FAHQTISALIKAELAELPLRLFLQGALAAGEIGFENHETVAYEFMSQAFSLYEDEISDSKAQLAAITLIIGTFERMKCFS
EENHEPLRTQCALAASKLLKKPDQGRAVSTCAHLFWSGRNTDKNGEELHGGKRVMECLKKALKIANQCMDPSLQVQLFIE
ILNRYIYFYEKENDAVTIQVLNQLIQKIREDLPNLESSEETEQINKHFHNTLEHLRSRRESPESEGPIYEGLIL
;
B,D
3 'polypeptide(L)' SNIFDDPLNAFGGQ E,F
#
loop_
_chem_comp.id
_chem_comp.type
_chem_comp.name
_chem_comp.formula
ACT non-polymer 'ACETATE ION' 'C2 H3 O2 -1'
GOL non-polymer GLYCEROL 'C3 H8 O3'
PEG non-polymer DI(HYDROXYETHYL)ETHER 'C4 H10 O3'
#
# COMPACT_ATOMS: atom_id res chain seq x y z
N ARG A 10 23.93 20.37 -23.31
CA ARG A 10 23.39 21.34 -22.37
C ARG A 10 22.13 20.79 -21.68
N MET A 11 22.23 20.53 -20.38
CA MET A 11 21.10 20.04 -19.59
C MET A 11 21.00 20.82 -18.29
N LEU A 12 19.77 21.13 -17.90
CA LEU A 12 19.49 21.80 -16.63
C LEU A 12 18.48 20.97 -15.84
N VAL A 13 18.73 20.81 -14.55
CA VAL A 13 17.90 19.99 -13.68
C VAL A 13 17.44 20.84 -12.51
N LEU A 14 16.34 20.41 -11.90
CA LEU A 14 15.75 21.11 -10.77
C LEU A 14 15.79 20.22 -9.54
N VAL A 15 16.49 20.69 -8.51
CA VAL A 15 16.61 19.96 -7.24
C VAL A 15 15.84 20.76 -6.19
N LEU A 16 14.83 20.12 -5.60
CA LEU A 16 13.98 20.74 -4.59
C LEU A 16 13.39 19.64 -3.73
N GLY A 17 13.01 19.99 -2.51
CA GLY A 17 12.40 19.00 -1.65
C GLY A 17 11.76 19.64 -0.43
N ASP A 18 11.29 18.76 0.45
CA ASP A 18 10.70 19.16 1.73
C ASP A 18 9.60 20.21 1.54
N LEU A 19 8.67 19.92 0.64
CA LEU A 19 7.55 20.83 0.42
C LEU A 19 6.58 20.76 1.58
N HIS A 20 6.40 19.57 2.15
CA HIS A 20 5.52 19.31 3.29
C HIS A 20 4.11 19.79 3.05
N ILE A 21 3.55 19.37 1.91
CA ILE A 21 2.17 19.70 1.55
C ILE A 21 1.31 18.47 1.81
N PRO A 22 0.28 18.55 2.67
CA PRO A 22 -0.19 19.74 3.37
C PRO A 22 0.10 19.77 4.86
N HIS A 23 1.12 19.04 5.32
CA HIS A 23 1.38 18.98 6.76
C HIS A 23 1.67 20.37 7.34
N ARG A 24 2.61 21.10 6.74
CA ARG A 24 2.91 22.45 7.16
C ARG A 24 2.80 23.48 6.06
N CYS A 25 2.39 23.08 4.86
CA CYS A 25 2.35 24.02 3.74
C CYS A 25 1.23 23.62 2.79
N ASN A 26 0.35 24.58 2.47
CA ASN A 26 -0.71 24.35 1.49
C ASN A 26 -0.14 24.27 0.09
N SER A 27 0.69 25.24 -0.28
CA SER A 27 1.30 25.28 -1.61
C SER A 27 2.58 26.12 -1.53
N LEU A 28 3.25 26.25 -2.66
CA LEU A 28 4.52 26.92 -2.77
C LEU A 28 4.33 28.43 -2.67
N PRO A 29 5.41 29.22 -2.60
CA PRO A 29 5.25 30.68 -2.67
C PRO A 29 4.96 31.16 -4.08
N ALA A 30 4.05 32.13 -4.18
CA ALA A 30 3.54 32.62 -5.47
C ALA A 30 4.66 32.93 -6.48
N LYS A 31 5.67 33.72 -6.07
CA LYS A 31 6.75 34.03 -6.99
C LYS A 31 7.44 32.78 -7.48
N PHE A 32 7.63 31.80 -6.58
CA PHE A 32 8.19 30.52 -6.95
C PHE A 32 7.29 29.86 -7.98
N LYS A 33 6.00 29.72 -7.66
CA LYS A 33 5.04 29.10 -8.56
C LYS A 33 5.11 29.72 -9.95
N LYS A 34 5.37 31.02 -10.02
CA LYS A 34 5.46 31.69 -11.31
C LYS A 34 6.77 31.35 -12.02
N LEU A 35 7.87 31.26 -11.28
CA LEU A 35 9.15 30.97 -11.93
C LEU A 35 9.28 29.53 -12.44
N LEU A 36 8.57 28.56 -11.88
CA LEU A 36 8.66 27.18 -12.38
C LEU A 36 7.57 26.97 -13.44
N VAL A 37 8.01 26.88 -14.69
CA VAL A 37 7.13 26.65 -15.84
C VAL A 37 7.63 25.42 -16.58
N PRO A 38 6.77 24.68 -17.27
CA PRO A 38 7.22 23.49 -17.99
C PRO A 38 8.16 23.84 -19.13
N GLY A 39 8.73 22.79 -19.72
CA GLY A 39 9.59 22.94 -20.89
C GLY A 39 11.04 23.29 -20.63
N LYS A 40 11.30 24.29 -19.77
CA LYS A 40 12.68 24.70 -19.53
C LYS A 40 13.48 23.62 -18.82
N ILE A 41 12.85 22.93 -17.87
CA ILE A 41 13.57 22.03 -16.95
C ILE A 41 13.60 20.64 -17.58
N GLN A 42 14.82 20.12 -17.80
CA GLN A 42 14.97 18.83 -18.46
C GLN A 42 14.77 17.67 -17.50
N HIS A 43 15.39 17.75 -16.32
CA HIS A 43 15.31 16.70 -15.32
C HIS A 43 14.89 17.33 -14.00
N ILE A 44 14.30 16.52 -13.12
CA ILE A 44 13.88 16.98 -11.80
C ILE A 44 14.33 15.96 -10.78
N LEU A 45 15.16 16.39 -9.83
CA LEU A 45 15.66 15.55 -8.75
C LEU A 45 15.04 16.08 -7.47
N CYS A 46 14.13 15.31 -6.87
CA CYS A 46 13.47 15.72 -5.65
C CYS A 46 13.97 14.85 -4.50
N THR A 47 14.19 15.49 -3.35
CA THR A 47 14.75 14.82 -2.18
C THR A 47 13.73 14.64 -1.07
N GLY A 48 13.12 15.73 -0.63
CA GLY A 48 12.30 15.70 0.55
C GLY A 48 10.97 14.99 0.34
N ASN A 49 10.13 15.14 1.34
CA ASN A 49 8.82 14.49 1.39
C ASN A 49 7.72 15.47 0.94
N LEU A 50 7.44 15.46 -0.36
CA LEU A 50 6.15 15.92 -0.87
C LEU A 50 5.11 14.91 -0.42
N CYS A 51 4.62 15.11 0.81
CA CYS A 51 3.84 14.11 1.52
C CYS A 51 2.69 13.49 0.74
N THR A 52 2.21 14.10 -0.34
CA THR A 52 1.08 13.54 -1.08
C THR A 52 1.38 13.49 -2.58
N LYS A 53 0.75 12.52 -3.24
CA LYS A 53 0.97 12.30 -4.67
C LYS A 53 0.55 13.51 -5.50
N GLU A 54 -0.30 14.38 -4.94
CA GLU A 54 -0.69 15.61 -5.63
C GLU A 54 0.54 16.41 -6.04
N SER A 55 1.43 16.65 -5.09
CA SER A 55 2.64 17.40 -5.41
C SER A 55 3.54 16.60 -6.34
N TYR A 56 3.44 15.27 -6.32
CA TYR A 56 4.22 14.47 -7.25
C TYR A 56 3.74 14.71 -8.67
N ASP A 57 2.43 14.81 -8.87
CA ASP A 57 1.93 15.11 -10.21
C ASP A 57 2.25 16.55 -10.61
N TYR A 58 2.42 17.45 -9.63
CA TYR A 58 2.94 18.78 -9.95
C TYR A 58 4.37 18.68 -10.51
N LEU A 59 5.24 17.97 -9.79
CA LEU A 59 6.62 17.80 -10.26
C LEU A 59 6.67 17.06 -11.60
N LYS A 60 5.71 16.18 -11.87
CA LYS A 60 5.64 15.55 -13.18
C LYS A 60 5.05 16.49 -14.23
N THR A 61 4.38 17.56 -13.81
CA THR A 61 3.99 18.59 -14.75
C THR A 61 5.20 19.37 -15.21
N LEU A 62 6.11 19.70 -14.28
CA LEU A 62 7.27 20.51 -14.67
C LEU A 62 8.21 19.79 -15.64
N ALA A 63 8.44 18.49 -15.47
CA ALA A 63 9.40 17.81 -16.34
C ALA A 63 9.02 16.34 -16.51
N GLY A 64 9.68 15.69 -17.46
CA GLY A 64 9.41 14.30 -17.79
C GLY A 64 10.13 13.26 -16.94
N ASP A 65 11.42 13.47 -16.67
CA ASP A 65 12.19 12.56 -15.83
C ASP A 65 12.22 13.12 -14.41
N VAL A 66 11.39 12.54 -13.54
CA VAL A 66 11.31 12.94 -12.14
C VAL A 66 11.88 11.82 -11.29
N HIS A 67 12.75 12.18 -10.33
CA HIS A 67 13.39 11.23 -9.44
C HIS A 67 13.15 11.69 -8.01
N ILE A 68 12.36 10.92 -7.27
CA ILE A 68 12.09 11.24 -5.88
C ILE A 68 12.62 10.11 -5.01
N VAL A 69 12.90 10.45 -3.76
CA VAL A 69 13.34 9.49 -2.76
C VAL A 69 12.45 9.65 -1.54
N ARG A 70 12.24 8.55 -0.83
CA ARG A 70 11.35 8.55 0.32
C ARG A 70 11.90 9.44 1.42
N GLY A 71 11.01 10.27 1.99
CA GLY A 71 11.32 11.04 3.16
C GLY A 71 10.69 10.39 4.38
N ASP A 72 10.84 11.07 5.52
CA ASP A 72 10.30 10.49 6.74
C ASP A 72 8.78 10.60 6.79
N PHE A 73 8.20 11.60 6.15
CA PHE A 73 6.76 11.83 6.24
C PHE A 73 6.02 11.52 4.93
N ASP A 74 6.62 10.75 4.03
CA ASP A 74 6.00 10.45 2.75
C ASP A 74 5.10 9.23 2.92
N GLU A 75 3.77 9.44 2.82
CA GLU A 75 2.81 8.33 2.89
C GLU A 75 2.82 7.47 1.63
N ASN A 76 3.64 7.79 0.63
CA ASN A 76 3.63 7.02 -0.60
C ASN A 76 4.14 5.60 -0.36
N LEU A 77 3.95 4.75 -1.37
CA LEU A 77 4.30 3.35 -1.27
C LEU A 77 5.55 2.96 -2.05
N ASN A 78 6.13 3.86 -2.85
CA ASN A 78 7.17 3.47 -3.80
C ASN A 78 8.52 4.16 -3.65
N TYR A 79 8.58 5.40 -3.17
CA TYR A 79 9.82 6.15 -3.29
C TYR A 79 10.98 5.41 -2.63
N PRO A 80 12.14 5.31 -3.28
CA PRO A 80 13.28 4.62 -2.66
C PRO A 80 13.94 5.47 -1.60
N GLU A 81 14.63 4.80 -0.68
CA GLU A 81 15.30 5.52 0.40
C GLU A 81 16.48 6.32 -0.13
N GLN A 82 17.19 5.78 -1.13
CA GLN A 82 18.40 6.41 -1.65
C GLN A 82 18.51 6.03 -3.12
N LYS A 83 18.91 6.99 -3.95
CA LYS A 83 19.07 6.73 -5.38
C LYS A 83 20.33 7.42 -5.89
N VAL A 84 20.96 6.78 -6.87
CA VAL A 84 22.13 7.33 -7.54
C VAL A 84 21.79 7.38 -9.03
N VAL A 85 21.70 8.61 -9.57
CA VAL A 85 21.33 8.81 -10.96
C VAL A 85 22.43 9.60 -11.64
N THR A 86 22.64 9.32 -12.92
CA THR A 86 23.64 9.98 -13.74
C THR A 86 22.96 10.94 -14.69
N VAL A 87 23.53 12.14 -14.82
CA VAL A 87 23.04 13.14 -15.75
C VAL A 87 24.23 13.52 -16.60
N GLY A 88 24.19 13.16 -17.87
CA GLY A 88 25.36 13.40 -18.70
C GLY A 88 26.49 12.52 -18.23
N GLN A 89 27.53 13.14 -17.68
CA GLN A 89 28.69 12.43 -17.17
C GLN A 89 28.85 12.52 -15.66
N PHE A 90 27.95 13.20 -14.95
CA PHE A 90 28.11 13.41 -13.52
C PHE A 90 27.34 12.35 -12.75
N LYS A 91 28.00 11.75 -11.74
CA LYS A 91 27.32 10.81 -10.86
C LYS A 91 26.69 11.59 -9.71
N ILE A 92 25.36 11.53 -9.64
CA ILE A 92 24.58 12.27 -8.66
C ILE A 92 23.94 11.28 -7.69
N GLY A 93 24.04 11.59 -6.41
CA GLY A 93 23.45 10.78 -5.36
C GLY A 93 22.30 11.51 -4.69
N LEU A 94 21.21 10.78 -4.49
CA LEU A 94 19.96 11.34 -3.98
C LEU A 94 19.58 10.63 -2.70
N ILE A 95 19.34 11.41 -1.65
CA ILE A 95 18.90 10.89 -0.37
C ILE A 95 18.25 12.04 0.38
N HIS A 96 17.17 11.74 1.12
CA HIS A 96 16.49 12.80 1.84
C HIS A 96 17.40 13.44 2.88
N GLY A 97 18.05 12.62 3.70
CA GLY A 97 18.99 13.12 4.68
C GLY A 97 18.59 12.94 6.14
N HIS A 98 17.58 12.14 6.44
CA HIS A 98 17.22 11.91 7.84
C HIS A 98 17.89 10.65 8.38
N GLN A 99 18.48 9.84 7.53
CA GLN A 99 19.32 8.73 7.95
C GLN A 99 20.77 9.15 8.05
N VAL A 100 21.10 10.37 7.64
CA VAL A 100 22.48 10.87 7.69
C VAL A 100 22.60 11.59 9.02
N ILE A 101 22.90 10.81 10.07
CA ILE A 101 23.02 11.31 11.44
C ILE A 101 24.45 11.76 11.71
N PRO A 102 24.68 12.90 12.40
CA PRO A 102 23.74 14.00 12.68
C PRO A 102 23.15 14.61 11.41
N TRP A 103 21.91 15.10 11.54
CA TRP A 103 21.11 15.53 10.40
C TRP A 103 21.85 16.54 9.53
N GLY A 104 22.51 17.52 10.14
CA GLY A 104 23.22 18.53 9.39
C GLY A 104 24.72 18.34 9.38
N ASP A 105 25.22 17.19 9.83
CA ASP A 105 26.65 16.99 9.95
C ASP A 105 27.30 16.92 8.57
N MET A 106 28.23 17.84 8.32
CA MET A 106 28.95 17.84 7.06
C MET A 106 29.86 16.64 6.94
N ALA A 107 30.51 16.25 8.05
CA ALA A 107 31.43 15.11 8.01
C ALA A 107 30.68 13.79 7.81
N SER A 108 29.42 13.73 8.23
CA SER A 108 28.63 12.53 8.02
C SER A 108 28.14 12.42 6.58
N LEU A 109 27.92 13.55 5.92
CA LEU A 109 27.46 13.54 4.53
C LEU A 109 28.58 13.10 3.59
N ALA A 110 29.80 13.59 3.82
CA ALA A 110 30.92 13.20 2.98
C ALA A 110 31.17 11.69 3.08
N LEU A 111 30.85 11.11 4.23
CA LEU A 111 30.95 9.66 4.39
C LEU A 111 29.98 8.95 3.44
N LEU A 112 28.74 9.46 3.36
CA LEU A 112 27.80 8.90 2.41
C LEU A 112 28.34 9.07 1.00
N GLN A 113 29.02 10.19 0.73
CA GLN A 113 29.63 10.37 -0.59
C GLN A 113 30.63 9.26 -0.86
N ARG A 114 31.49 8.96 0.12
CA ARG A 114 32.50 7.93 -0.07
C ARG A 114 31.87 6.58 -0.35
N GLN A 115 30.84 6.22 0.43
CA GLN A 115 30.16 4.95 0.20
C GLN A 115 29.48 4.92 -1.17
N PHE A 116 28.91 6.05 -1.59
CA PHE A 116 28.15 6.15 -2.82
C PHE A 116 29.04 6.26 -4.04
N ASP A 117 30.19 6.95 -3.91
CA ASP A 117 31.06 7.29 -5.03
C ASP A 117 30.30 8.12 -6.05
N VAL A 118 29.62 9.15 -5.57
CA VAL A 118 28.95 10.13 -6.42
C VAL A 118 29.84 11.36 -6.53
N ASP A 119 29.68 12.08 -7.64
CA ASP A 119 30.39 13.34 -7.77
C ASP A 119 29.62 14.50 -7.18
N ILE A 120 28.30 14.38 -7.07
CA ILE A 120 27.47 15.38 -6.38
C ILE A 120 26.45 14.65 -5.52
N LEU A 121 26.49 14.86 -4.20
CA LEU A 121 25.52 14.23 -3.31
C LEU A 121 24.61 15.29 -2.73
N ILE A 122 23.30 15.13 -2.94
CA ILE A 122 22.31 16.15 -2.58
C ILE A 122 21.33 15.57 -1.56
N SER A 123 21.04 16.36 -0.51
CA SER A 123 20.16 15.90 0.56
C SER A 123 19.37 17.07 1.13
N GLY A 124 18.41 16.74 2.01
CA GLY A 124 17.55 17.72 2.65
C GLY A 124 17.34 17.45 4.13
N HIS A 125 16.08 17.47 4.56
CA HIS A 125 15.65 17.26 5.95
C HIS A 125 16.25 18.26 6.92
N THR A 126 17.06 19.18 6.45
CA THR A 126 17.54 20.24 7.31
C THR A 126 16.77 21.53 7.10
N HIS A 127 16.09 21.65 5.96
CA HIS A 127 15.36 22.86 5.60
C HIS A 127 16.26 24.09 5.57
N LYS A 128 17.58 23.86 5.55
CA LYS A 128 18.57 24.90 5.45
C LYS A 128 19.35 24.66 4.16
N PHE A 129 19.46 25.69 3.32
CA PHE A 129 20.14 25.53 2.06
C PHE A 129 21.64 25.65 2.26
N GLU A 130 22.38 24.69 1.72
CA GLU A 130 23.83 24.72 1.80
C GLU A 130 24.40 24.14 0.50
N ALA A 131 25.39 24.81 -0.06
CA ALA A 131 26.01 24.37 -1.30
C ALA A 131 27.51 24.55 -1.15
N PHE A 132 28.25 23.45 -1.05
CA PHE A 132 29.68 23.60 -0.84
C PHE A 132 30.46 22.46 -1.47
N GLU A 133 31.74 22.70 -1.67
CA GLU A 133 32.67 21.74 -2.22
C GLU A 133 33.67 21.35 -1.15
N HIS A 134 33.80 20.05 -0.91
CA HIS A 134 34.71 19.55 0.10
C HIS A 134 35.35 18.29 -0.47
N GLU A 135 36.68 18.19 -0.33
CA GLU A 135 37.46 17.06 -0.86
C GLU A 135 37.18 16.87 -2.35
N ASN A 136 37.04 18.00 -3.06
CA ASN A 136 36.79 18.02 -4.50
C ASN A 136 35.50 17.30 -4.88
N LYS A 137 34.54 17.24 -3.97
CA LYS A 137 33.20 16.72 -4.24
C LYS A 137 32.20 17.80 -3.86
N PHE A 138 30.98 17.70 -4.40
CA PHE A 138 30.02 18.78 -4.27
C PHE A 138 28.78 18.29 -3.53
N TYR A 139 28.31 19.10 -2.58
CA TYR A 139 27.15 18.78 -1.76
C TYR A 139 26.16 19.93 -1.81
N ILE A 140 24.89 19.61 -2.06
CA ILE A 140 23.82 20.60 -2.24
C ILE A 140 22.64 20.19 -1.37
N ASN A 141 22.08 21.16 -0.65
CA ASN A 141 20.86 20.98 0.13
C ASN A 141 19.97 22.17 -0.24
N PRO A 142 18.91 21.95 -1.01
CA PRO A 142 18.04 23.07 -1.39
C PRO A 142 17.27 23.63 -0.21
N GLY A 143 16.77 22.76 0.66
CA GLY A 143 15.92 23.16 1.74
C GLY A 143 14.48 22.88 1.36
N SER A 144 13.57 23.70 1.88
CA SER A 144 12.15 23.59 1.56
C SER A 144 11.77 24.64 0.53
N ALA A 145 11.31 24.20 -0.64
CA ALA A 145 10.86 25.13 -1.67
C ALA A 145 9.72 26.00 -1.16
N THR A 146 8.94 25.49 -0.20
CA THR A 146 7.84 26.22 0.42
C THR A 146 8.20 26.83 1.77
N GLY A 147 9.45 26.74 2.21
CA GLY A 147 9.84 27.27 3.51
C GLY A 147 9.01 26.73 4.66
N ALA A 148 8.91 25.41 4.75
CA ALA A 148 8.07 24.78 5.74
C ALA A 148 8.63 24.96 7.15
N TYR A 149 7.90 24.44 8.12
CA TYR A 149 8.31 24.46 9.52
C TYR A 149 9.45 23.47 9.76
N ASN A 150 10.43 23.91 10.55
CA ASN A 150 11.49 23.05 11.07
C ASN A 150 11.66 23.28 12.56
N ALA A 151 11.68 22.21 13.34
CA ALA A 151 11.77 22.38 14.79
C ALA A 151 13.07 23.04 15.22
N LEU A 152 14.15 22.81 14.48
CA LEU A 152 15.47 23.30 14.86
C LEU A 152 15.80 24.70 14.33
N GLU A 153 15.10 25.16 13.30
CA GLU A 153 15.36 26.48 12.73
C GLU A 153 14.04 27.25 12.66
N THR A 154 14.04 28.46 13.24
CA THR A 154 12.82 29.25 13.30
C THR A 154 12.72 30.30 12.19
N ASN A 155 13.83 30.76 11.64
CA ASN A 155 13.83 31.73 10.54
C ASN A 155 14.21 30.97 9.28
N ILE A 156 13.20 30.36 8.67
CA ILE A 156 13.37 29.52 7.48
C ILE A 156 13.07 30.34 6.24
N ILE A 157 13.92 30.20 5.23
CA ILE A 157 13.81 30.95 3.99
C ILE A 157 13.50 29.98 2.85
N PRO A 158 12.36 30.11 2.17
CA PRO A 158 12.06 29.21 1.05
C PRO A 158 13.12 29.31 -0.04
N SER A 159 13.50 28.16 -0.59
CA SER A 159 14.59 28.15 -1.57
C SER A 159 14.50 26.91 -2.44
N PHE A 160 15.10 27.02 -3.63
CA PHE A 160 15.35 25.85 -4.46
C PHE A 160 16.58 26.13 -5.31
N VAL A 161 17.10 25.07 -5.91
CA VAL A 161 18.37 25.11 -6.63
C VAL A 161 18.19 24.38 -7.96
N LEU A 162 18.75 24.95 -9.02
CA LEU A 162 18.83 24.22 -10.29
C LEU A 162 20.25 24.29 -10.83
N MET A 163 20.72 23.14 -11.32
CA MET A 163 22.08 22.96 -11.83
C MET A 163 22.01 22.65 -13.31
N ASP A 164 22.79 23.37 -14.11
CA ASP A 164 22.86 23.15 -15.55
C ASP A 164 24.18 22.46 -15.88
N ILE A 165 24.16 21.13 -15.86
CA ILE A 165 25.36 20.35 -16.16
C ILE A 165 25.76 20.57 -17.61
N GLN A 166 26.83 21.35 -17.81
CA GLN A 166 27.36 21.58 -19.14
C GLN A 166 27.96 20.30 -19.67
N ALA A 167 29.28 20.17 -19.47
CA ALA A 167 30.00 18.93 -19.77
C ALA A 167 31.17 18.93 -18.80
N SER A 168 31.07 18.10 -17.76
CA SER A 168 32.08 18.07 -16.70
C SER A 168 32.18 19.42 -16.00
N THR A 169 31.02 20.06 -15.77
CA THR A 169 30.94 21.38 -15.14
C THR A 169 29.52 21.71 -14.71
N VAL A 170 29.26 21.69 -13.39
CA VAL A 170 27.98 22.05 -12.79
C VAL A 170 27.98 23.49 -12.31
N VAL A 171 27.00 24.27 -12.75
CA VAL A 171 26.72 25.59 -12.22
C VAL A 171 25.37 25.51 -11.50
N THR A 172 25.35 25.86 -10.21
CA THR A 172 24.14 25.73 -9.39
C THR A 172 23.65 27.11 -9.01
N TYR A 173 22.40 27.40 -9.33
CA TYR A 173 21.75 28.65 -8.97
C TYR A 173 20.74 28.37 -7.86
N VAL A 174 20.70 29.25 -6.87
CA VAL A 174 19.86 29.12 -5.69
C VAL A 174 18.94 30.33 -5.60
N TYR A 175 17.64 30.07 -5.74
CA TYR A 175 16.59 31.05 -5.53
C TYR A 175 16.12 31.00 -4.08
N GLN A 176 15.88 32.18 -3.51
CA GLN A 176 15.46 32.32 -2.13
C GLN A 176 14.45 33.45 -2.04
N LEU A 177 13.41 33.25 -1.23
CA LEU A 177 12.43 34.30 -0.96
C LEU A 177 12.83 35.01 0.33
N ILE A 178 13.81 35.90 0.19
CA ILE A 178 14.27 36.74 1.29
C ILE A 178 13.40 37.99 1.28
N GLY A 179 12.57 38.14 2.29
CA GLY A 179 11.68 39.28 2.27
C GLY A 179 10.53 39.08 1.32
N ASP A 180 10.45 39.94 0.30
CA ASP A 180 9.41 39.85 -0.72
C ASP A 180 9.93 39.42 -2.08
N ASP A 181 11.14 39.85 -2.47
CA ASP A 181 11.67 39.58 -3.80
C ASP A 181 12.64 38.40 -3.77
N VAL A 182 12.76 37.74 -4.91
CA VAL A 182 13.56 36.53 -5.01
C VAL A 182 15.01 36.93 -5.24
N LYS A 183 15.86 36.59 -4.27
CA LYS A 183 17.30 36.81 -4.37
C LYS A 183 17.98 35.50 -4.75
N VAL A 184 18.94 35.59 -5.67
CA VAL A 184 19.57 34.43 -6.26
C VAL A 184 21.07 34.48 -6.02
N GLU A 185 21.68 33.32 -5.90
CA GLU A 185 23.13 33.20 -5.76
C GLU A 185 23.60 32.02 -6.60
N ARG A 186 24.88 31.98 -6.93
CA ARG A 186 25.42 30.96 -7.83
C ARG A 186 26.73 30.41 -7.31
N ILE A 187 26.86 29.09 -7.30
CA ILE A 187 28.11 28.42 -6.95
C ILE A 187 28.45 27.44 -8.07
N GLU A 188 29.73 27.39 -8.43
CA GLU A 188 30.17 26.59 -9.58
C GLU A 188 31.12 25.51 -9.09
N TYR A 189 31.13 24.39 -9.81
CA TYR A 189 31.97 23.26 -9.49
C TYR A 189 32.29 22.51 -10.78
N LYS A 190 33.53 22.06 -10.92
CA LYS A 190 33.98 21.33 -12.09
C LYS A 190 34.46 19.96 -11.63
N LYS A 191 34.27 18.96 -12.50
CA LYS A 191 34.64 17.59 -12.16
C LYS A 191 36.08 17.52 -11.66
N SER A 192 36.31 16.62 -10.71
CA SER A 192 37.64 16.36 -10.17
C SER A 192 38.65 16.06 -11.27
N PHE B 2 -11.71 9.53 1.15
CA PHE B 2 -11.09 9.81 2.44
C PHE B 2 -9.77 10.56 2.27
N ALA B 3 -9.26 10.60 1.04
CA ALA B 3 -8.01 11.28 0.71
C ALA B 3 -8.23 12.60 0.00
N ASP B 4 -9.31 13.30 0.33
CA ASP B 4 -9.73 14.48 -0.43
C ASP B 4 -9.69 15.77 0.36
N GLU B 5 -10.10 15.77 1.63
CA GLU B 5 -10.16 16.99 2.41
C GLU B 5 -8.80 17.59 2.70
N GLN B 6 -7.71 16.86 2.40
CA GLN B 6 -6.34 17.27 2.64
C GLN B 6 -6.12 18.76 2.43
N SER B 7 -6.03 19.18 1.16
CA SER B 7 -5.75 20.58 0.86
C SER B 7 -6.76 21.51 1.54
N LEU B 8 -8.02 21.09 1.69
CA LEU B 8 -8.99 21.91 2.41
C LEU B 8 -8.43 22.30 3.78
N VAL B 9 -8.08 21.29 4.59
CA VAL B 9 -7.41 21.59 5.85
C VAL B 9 -6.09 22.30 5.58
N GLY B 10 -5.35 21.84 4.57
CA GLY B 10 -4.13 22.55 4.15
C GLY B 10 -4.39 24.02 3.85
N ARG B 11 -5.60 24.36 3.43
CA ARG B 11 -5.96 25.75 3.23
C ARG B 11 -6.23 26.40 4.58
N PHE B 12 -7.12 25.77 5.37
CA PHE B 12 -7.51 26.31 6.66
C PHE B 12 -6.29 26.54 7.54
N ILE B 13 -5.29 25.66 7.45
CA ILE B 13 -4.13 25.79 8.30
C ILE B 13 -3.32 27.02 7.92
N HIS B 14 -3.23 27.36 6.63
CA HIS B 14 -2.45 28.53 6.27
C HIS B 14 -3.16 29.82 6.64
N LEU B 15 -4.42 29.94 6.25
CA LEU B 15 -5.08 31.23 6.34
C LEU B 15 -5.21 31.60 7.82
N LEU B 16 -5.57 30.62 8.64
CA LEU B 16 -5.70 30.81 10.07
C LEU B 16 -4.43 31.34 10.71
N ARG B 17 -3.26 31.04 10.14
CA ARG B 17 -2.00 31.52 10.70
C ARG B 17 -1.93 33.05 10.72
N SER B 18 -2.96 33.73 10.21
CA SER B 18 -2.93 35.19 10.24
C SER B 18 -3.51 35.77 11.53
N ASP B 19 -4.31 35.01 12.25
CA ASP B 19 -4.93 35.50 13.48
C ASP B 19 -3.94 35.55 14.63
N ASP B 20 -4.45 35.59 15.85
CA ASP B 20 -3.87 35.70 17.18
C ASP B 20 -3.73 34.32 17.81
N PRO B 21 -2.60 34.07 18.49
CA PRO B 21 -2.41 32.75 19.12
C PRO B 21 -3.50 32.40 20.12
N ASP B 22 -3.93 33.36 20.93
CA ASP B 22 -5.03 33.11 21.86
C ASP B 22 -6.23 32.53 21.10
N GLN B 23 -6.62 33.20 20.01
CA GLN B 23 -7.74 32.71 19.23
C GLN B 23 -7.37 31.44 18.48
N GLN B 24 -6.12 31.37 17.99
CA GLN B 24 -5.65 30.21 17.23
C GLN B 24 -5.78 28.93 18.02
N TYR B 25 -5.66 29.00 19.35
CA TYR B 25 -5.88 27.81 20.15
C TYR B 25 -7.34 27.41 20.11
N LEU B 26 -8.25 28.37 20.26
CA LEU B 26 -9.67 28.03 20.27
C LEU B 26 -10.09 27.45 18.92
N ILE B 27 -9.65 28.05 17.82
CA ILE B 27 -10.04 27.53 16.51
C ILE B 27 -9.47 26.13 16.29
N LEU B 28 -8.21 25.90 16.66
CA LEU B 28 -7.68 24.54 16.52
C LEU B 28 -8.49 23.55 17.35
N ASN B 29 -8.72 23.90 18.62
CA ASN B 29 -9.56 23.09 19.52
C ASN B 29 -10.93 22.81 18.94
N THR B 30 -11.50 23.75 18.18
CA THR B 30 -12.82 23.55 17.61
C THR B 30 -12.77 22.62 16.41
N ALA B 31 -11.72 22.72 15.61
CA ALA B 31 -11.49 21.78 14.51
C ALA B 31 -11.16 20.39 15.03
N ARG B 32 -10.80 20.27 16.31
CA ARG B 32 -10.41 19.00 16.91
C ARG B 32 -11.52 17.95 16.93
N LYS B 33 -12.48 18.04 17.86
CA LYS B 33 -13.56 17.05 17.92
C LYS B 33 -14.28 17.01 16.58
N HIS B 34 -14.47 18.20 16.00
CA HIS B 34 -14.92 18.37 14.63
C HIS B 34 -14.27 17.44 13.62
N PHE B 35 -12.94 17.40 13.56
CA PHE B 35 -12.30 16.57 12.53
C PHE B 35 -12.13 15.12 12.99
N GLY B 36 -11.96 14.90 14.30
CA GLY B 36 -11.90 13.55 14.82
C GLY B 36 -13.18 12.78 14.60
N ALA B 37 -14.29 13.50 14.42
CA ALA B 37 -15.53 12.85 14.02
C ALA B 37 -15.52 12.44 12.55
N GLY B 38 -14.39 12.65 11.86
CA GLY B 38 -14.29 12.22 10.47
C GLY B 38 -14.39 10.72 10.33
N GLY B 39 -13.75 9.99 11.24
CA GLY B 39 -13.79 8.54 11.24
C GLY B 39 -12.39 7.94 11.26
N ASN B 40 -12.35 6.62 11.32
CA ASN B 40 -11.08 5.93 11.34
C ASN B 40 -10.41 5.89 9.98
N GLN B 41 -11.05 6.49 8.96
CA GLN B 41 -10.53 6.56 7.61
C GLN B 41 -10.08 7.97 7.20
N ARG B 42 -10.86 9.01 7.50
CA ARG B 42 -10.47 10.35 7.08
C ARG B 42 -9.39 10.98 7.95
N ILE B 43 -9.36 10.72 9.26
CA ILE B 43 -8.36 11.36 10.11
C ILE B 43 -6.94 10.92 9.80
N ARG B 44 -6.75 9.94 8.92
CA ARG B 44 -5.41 9.56 8.50
C ARG B 44 -4.70 10.72 7.79
N PHE B 45 -5.45 11.53 7.05
CA PHE B 45 -4.88 12.67 6.32
C PHE B 45 -5.40 13.99 6.84
N THR B 46 -6.07 14.01 8.00
CA THR B 46 -6.78 15.18 8.46
C THR B 46 -6.26 15.73 9.78
N LEU B 47 -5.61 14.91 10.58
CA LEU B 47 -5.09 15.32 11.88
C LEU B 47 -3.60 15.69 11.91
N PRO B 48 -2.75 15.11 11.06
CA PRO B 48 -1.33 15.52 11.04
C PRO B 48 -1.17 17.03 10.86
N PRO B 49 -1.90 17.67 9.93
CA PRO B 49 -1.79 19.12 9.84
C PRO B 49 -2.20 19.81 11.13
N LEU B 50 -3.14 19.23 11.88
CA LEU B 50 -3.56 19.85 13.13
C LEU B 50 -2.45 19.77 14.17
N VAL B 51 -1.72 18.65 14.17
CA VAL B 51 -0.62 18.48 15.12
C VAL B 51 0.50 19.47 14.79
N PHE B 52 0.87 19.55 13.50
CA PHE B 52 1.92 20.49 13.13
C PHE B 52 1.50 21.93 13.36
N ALA B 53 0.21 22.24 13.21
CA ALA B 53 -0.24 23.59 13.53
C ALA B 53 -0.13 23.86 15.01
N ALA B 54 -0.35 22.84 15.84
CA ALA B 54 -0.19 23.02 17.28
C ALA B 54 1.28 23.32 17.62
N TYR B 55 2.21 22.57 17.03
CA TYR B 55 3.63 22.81 17.31
C TYR B 55 4.05 24.21 16.86
N GLN B 56 3.68 24.58 15.63
CA GLN B 56 3.98 25.89 15.10
C GLN B 56 3.40 27.00 15.99
N LEU B 57 2.18 26.81 16.48
CA LEU B 57 1.57 27.82 17.33
C LEU B 57 2.24 27.88 18.70
N ALA B 58 2.82 26.78 19.16
CA ALA B 58 3.58 26.83 20.40
C ALA B 58 4.86 27.66 20.22
N PHE B 59 5.55 27.46 19.09
CA PHE B 59 6.67 28.35 18.78
C PHE B 59 6.20 29.81 18.73
N ARG B 60 5.04 30.05 18.12
CA ARG B 60 4.53 31.40 18.04
C ARG B 60 4.20 31.96 19.43
N TYR B 61 3.79 31.09 20.35
CA TYR B 61 3.52 31.56 21.71
C TYR B 61 4.81 31.95 22.41
N LYS B 62 5.90 31.23 22.13
CA LYS B 62 7.19 31.64 22.68
C LYS B 62 7.64 32.96 22.04
N GLU B 63 7.19 33.23 20.82
CA GLU B 63 7.51 34.51 20.18
C GLU B 63 7.00 35.69 21.00
N ASN B 64 5.87 35.53 21.69
CA ASN B 64 5.29 36.58 22.53
C ASN B 64 5.66 36.37 24.00
N SER B 65 6.90 35.99 24.27
CA SER B 65 7.30 35.67 25.65
C SER B 65 7.23 36.87 26.60
N GLN B 66 7.29 38.10 26.07
CA GLN B 66 7.13 39.30 26.88
C GLN B 66 5.70 39.83 26.94
N MET B 67 4.93 39.68 25.86
CA MET B 67 3.57 40.19 25.80
C MET B 67 2.57 39.27 26.47
N ASP B 68 3.04 38.15 27.02
CA ASP B 68 2.20 37.17 27.70
C ASP B 68 3.03 36.54 28.80
N ASP B 69 2.46 36.45 30.00
CA ASP B 69 3.15 35.86 31.14
C ASP B 69 2.75 34.41 31.39
N LYS B 70 1.79 33.89 30.64
CA LYS B 70 1.37 32.51 30.78
C LYS B 70 1.64 31.69 29.52
N TRP B 71 2.60 32.11 28.70
CA TRP B 71 2.85 31.36 27.48
C TRP B 71 3.33 29.95 27.78
N GLU B 72 3.91 29.76 28.97
CA GLU B 72 4.28 28.43 29.43
C GLU B 72 3.05 27.57 29.66
N LYS B 73 2.07 28.10 30.41
CA LYS B 73 0.82 27.37 30.62
C LYS B 73 0.12 27.10 29.30
N LYS B 74 0.09 28.08 28.41
CA LYS B 74 -0.56 27.89 27.12
C LYS B 74 0.17 26.84 26.29
N CYS B 75 1.50 26.76 26.42
CA CYS B 75 2.25 25.74 25.70
C CYS B 75 2.03 24.35 26.28
N GLN B 76 1.86 24.26 27.60
CA GLN B 76 1.49 22.96 28.18
C GLN B 76 0.13 22.54 27.66
N LYS B 77 -0.77 23.51 27.48
CA LYS B 77 -2.07 23.22 26.89
C LYS B 77 -1.91 22.75 25.44
N ILE B 78 -1.04 23.41 24.67
CA ILE B 78 -0.88 23.04 23.26
C ILE B 78 -0.34 21.63 23.13
N PHE B 79 0.68 21.30 23.93
CA PHE B 79 1.27 19.96 23.80
C PHE B 79 0.39 18.86 24.39
N SER B 80 -0.41 19.16 25.43
CA SER B 80 -1.38 18.16 25.88
C SER B 80 -2.48 17.94 24.83
N PHE B 81 -2.93 19.01 24.20
CA PHE B 81 -3.93 18.88 23.14
C PHE B 81 -3.36 18.09 21.96
N ALA B 82 -2.09 18.32 21.63
CA ALA B 82 -1.49 17.56 20.55
C ALA B 82 -1.25 16.10 20.94
N HIS B 83 -0.98 15.85 22.23
CA HIS B 83 -0.89 14.49 22.72
C HIS B 83 -2.21 13.76 22.49
N GLN B 84 -3.31 14.36 22.93
CA GLN B 84 -4.62 13.74 22.71
C GLN B 84 -4.87 13.53 21.23
N THR B 85 -4.48 14.49 20.39
CA THR B 85 -4.71 14.36 18.96
C THR B 85 -3.97 13.16 18.37
N ILE B 86 -2.70 12.97 18.75
CA ILE B 86 -1.94 11.84 18.23
C ILE B 86 -2.47 10.53 18.81
N SER B 87 -2.90 10.54 20.07
CA SER B 87 -3.45 9.32 20.65
C SER B 87 -4.72 8.90 19.91
N ALA B 88 -5.51 9.89 19.47
CA ALA B 88 -6.66 9.59 18.61
C ALA B 88 -6.20 8.91 17.32
N LEU B 89 -5.08 9.36 16.77
CA LEU B 89 -4.53 8.71 15.58
C LEU B 89 -4.10 7.28 15.89
N ILE B 90 -3.72 7.01 17.14
CA ILE B 90 -3.35 5.65 17.51
C ILE B 90 -4.58 4.77 17.63
N LYS B 91 -5.71 5.36 18.06
CA LYS B 91 -6.94 4.60 18.24
C LYS B 91 -7.44 3.97 16.95
N ALA B 92 -7.14 4.58 15.79
CA ALA B 92 -7.49 4.00 14.50
C ALA B 92 -6.45 3.02 13.98
N GLU B 93 -5.67 2.43 14.88
CA GLU B 93 -4.62 1.46 14.56
C GLU B 93 -3.64 2.04 13.53
N LEU B 94 -2.81 2.96 14.04
CA LEU B 94 -1.79 3.63 13.23
C LEU B 94 -0.46 3.56 13.97
N ALA B 95 0.51 2.90 13.33
CA ALA B 95 1.77 2.52 13.93
C ALA B 95 2.87 3.55 13.64
N GLU B 96 3.16 3.77 12.36
CA GLU B 96 4.35 4.54 12.01
C GLU B 96 4.09 6.04 11.91
N LEU B 97 2.86 6.49 11.70
CA LEU B 97 2.70 7.94 11.60
C LEU B 97 2.71 8.60 12.98
N PRO B 98 1.96 8.08 13.97
CA PRO B 98 2.01 8.69 15.30
C PRO B 98 3.38 8.63 15.94
N LEU B 99 4.22 7.69 15.53
CA LEU B 99 5.58 7.62 16.04
C LEU B 99 6.37 8.87 15.67
N ARG B 100 6.40 9.20 14.37
CA ARG B 100 7.06 10.42 13.93
C ARG B 100 6.42 11.65 14.55
N LEU B 101 5.09 11.64 14.71
CA LEU B 101 4.45 12.80 15.31
C LEU B 101 4.89 12.98 16.76
N PHE B 102 5.11 11.88 17.48
CA PHE B 102 5.57 11.99 18.86
C PHE B 102 7.02 12.46 18.90
N LEU B 103 7.83 11.99 17.96
CA LEU B 103 9.22 12.45 17.89
C LEU B 103 9.28 13.96 17.60
N GLN B 104 8.43 14.43 16.67
CA GLN B 104 8.42 15.86 16.38
C GLN B 104 7.93 16.67 17.57
N GLY B 105 6.98 16.13 18.34
CA GLY B 105 6.55 16.83 19.54
C GLY B 105 7.66 16.94 20.56
N ALA B 106 8.45 15.87 20.72
CA ALA B 106 9.57 15.92 21.65
C ALA B 106 10.61 16.93 21.19
N LEU B 107 10.94 16.93 19.91
CA LEU B 107 11.91 17.88 19.37
C LEU B 107 11.46 19.33 19.60
N ALA B 108 10.21 19.62 19.25
CA ALA B 108 9.68 20.97 19.42
C ALA B 108 9.67 21.37 20.89
N ALA B 109 9.21 20.49 21.77
CA ALA B 109 9.18 20.81 23.19
C ALA B 109 10.60 21.05 23.72
N GLY B 110 11.58 20.31 23.20
CA GLY B 110 12.94 20.52 23.62
C GLY B 110 13.48 21.88 23.20
N GLU B 111 13.09 22.33 22.00
CA GLU B 111 13.60 23.63 21.57
C GLU B 111 12.86 24.80 22.19
N ILE B 112 11.56 24.65 22.47
CA ILE B 112 10.76 25.79 22.94
C ILE B 112 11.22 26.26 24.31
N GLY B 113 11.33 25.33 25.27
CA GLY B 113 11.82 25.70 26.58
C GLY B 113 10.82 26.36 27.50
N PHE B 114 9.56 25.95 27.46
CA PHE B 114 8.60 26.47 28.42
C PHE B 114 8.79 25.73 29.75
N GLU B 115 8.05 26.16 30.77
CA GLU B 115 8.15 25.49 32.05
C GLU B 115 7.53 24.10 31.95
N ASN B 116 8.18 23.13 32.60
CA ASN B 116 7.76 21.72 32.60
C ASN B 116 7.87 21.07 31.22
N HIS B 117 8.77 21.55 30.36
CA HIS B 117 8.89 20.99 29.01
C HIS B 117 9.71 19.70 28.99
N GLU B 118 10.61 19.50 29.96
CA GLU B 118 11.39 18.27 30.00
C GLU B 118 10.49 17.07 30.16
N THR B 119 9.54 17.14 31.10
CA THR B 119 8.63 16.02 31.31
C THR B 119 7.80 15.74 30.05
N VAL B 120 7.38 16.80 29.36
CA VAL B 120 6.56 16.63 28.15
C VAL B 120 7.38 15.93 27.06
N ALA B 121 8.61 16.39 26.84
CA ALA B 121 9.44 15.77 25.81
C ALA B 121 9.74 14.31 26.16
N TYR B 122 10.00 14.04 27.44
CA TYR B 122 10.24 12.66 27.86
C TYR B 122 9.01 11.81 27.60
N GLU B 123 7.81 12.35 27.88
CA GLU B 123 6.58 11.58 27.69
C GLU B 123 6.35 11.29 26.21
N PHE B 124 6.61 12.26 25.34
CA PHE B 124 6.45 12.01 23.91
C PHE B 124 7.42 10.95 23.42
N MET B 125 8.67 11.00 23.89
CA MET B 125 9.64 9.98 23.51
C MET B 125 9.25 8.60 24.04
N SER B 126 8.73 8.56 25.26
CA SER B 126 8.27 7.31 25.84
C SER B 126 7.16 6.69 25.01
N GLN B 127 6.20 7.50 24.56
CA GLN B 127 5.17 6.93 23.68
C GLN B 127 5.76 6.54 22.33
N ALA B 128 6.76 7.25 21.83
CA ALA B 128 7.40 6.82 20.59
C ALA B 128 7.94 5.41 20.74
N PHE B 129 8.66 5.16 21.85
CA PHE B 129 9.18 3.82 22.10
C PHE B 129 8.05 2.82 22.32
N SER B 130 6.97 3.24 22.98
CA SER B 130 5.86 2.30 23.21
C SER B 130 5.26 1.83 21.88
N LEU B 131 5.04 2.75 20.94
CA LEU B 131 4.53 2.32 19.64
C LEU B 131 5.59 1.55 18.86
N TYR B 132 6.87 1.83 19.08
CA TYR B 132 7.90 1.07 18.39
C TYR B 132 7.90 -0.38 18.87
N GLU B 133 7.80 -0.60 20.18
CA GLU B 133 7.83 -1.97 20.69
C GLU B 133 6.55 -2.72 20.32
N ASP B 134 5.39 -2.13 20.58
CA ASP B 134 4.12 -2.84 20.41
C ASP B 134 3.78 -3.11 18.94
N GLU B 135 3.55 -2.06 18.15
CA GLU B 135 2.81 -2.20 16.90
C GLU B 135 3.65 -2.28 15.62
N ILE B 136 4.94 -1.96 15.65
CA ILE B 136 5.75 -2.03 14.43
C ILE B 136 6.52 -3.35 14.46
N SER B 137 6.32 -4.19 13.45
CA SER B 137 6.88 -5.53 13.43
C SER B 137 7.75 -5.84 12.22
N ASP B 138 7.52 -5.19 11.08
CA ASP B 138 8.31 -5.47 9.90
C ASP B 138 9.76 -5.02 10.14
N SER B 139 10.70 -5.87 9.75
CA SER B 139 12.12 -5.58 9.97
C SER B 139 12.52 -4.27 9.32
N LYS B 140 12.06 -4.04 8.08
CA LYS B 140 12.41 -2.81 7.37
C LYS B 140 11.88 -1.60 8.11
N ALA B 141 10.63 -1.67 8.55
CA ALA B 141 10.03 -0.57 9.29
C ALA B 141 10.68 -0.40 10.65
N GLN B 142 11.11 -1.49 11.29
CA GLN B 142 11.80 -1.34 12.56
C GLN B 142 13.12 -0.61 12.38
N LEU B 143 13.89 -0.97 11.35
CA LEU B 143 15.16 -0.30 11.12
C LEU B 143 14.94 1.18 10.81
N ALA B 144 13.96 1.47 9.96
CA ALA B 144 13.71 2.87 9.62
C ALA B 144 13.30 3.67 10.86
N ALA B 145 12.40 3.09 11.66
CA ALA B 145 11.94 3.79 12.84
C ALA B 145 13.05 4.00 13.85
N ILE B 146 13.89 2.98 14.08
CA ILE B 146 14.92 3.14 15.10
C ILE B 146 15.95 4.16 14.64
N THR B 147 16.24 4.21 13.33
CA THR B 147 17.14 5.25 12.85
C THR B 147 16.52 6.63 13.05
N LEU B 148 15.21 6.73 12.86
CA LEU B 148 14.52 7.99 13.14
C LEU B 148 14.65 8.38 14.61
N ILE B 149 14.46 7.42 15.51
CA ILE B 149 14.54 7.71 16.93
C ILE B 149 15.95 8.17 17.31
N ILE B 150 16.97 7.49 16.81
CA ILE B 150 18.33 7.87 17.19
C ILE B 150 18.67 9.26 16.63
N GLY B 151 18.27 9.53 15.38
CA GLY B 151 18.54 10.83 14.81
C GLY B 151 17.85 11.94 15.59
N THR B 152 16.55 11.80 15.83
CA THR B 152 15.82 12.80 16.59
C THR B 152 16.42 12.97 17.99
N PHE B 153 16.59 11.88 18.72
CA PHE B 153 17.04 11.93 20.10
C PHE B 153 18.42 12.53 20.23
N GLU B 154 19.29 12.33 19.24
CA GLU B 154 20.63 12.89 19.30
C GLU B 154 20.61 14.41 19.30
N ARG B 155 19.56 15.03 18.75
CA ARG B 155 19.55 16.48 18.53
C ARG B 155 18.99 17.31 19.68
N MET B 156 18.15 16.77 20.55
CA MET B 156 17.58 17.57 21.62
C MET B 156 18.52 17.60 22.82
N LYS B 157 18.57 18.76 23.47
CA LYS B 157 19.45 19.03 24.61
C LYS B 157 18.66 19.54 25.79
N CYS B 158 17.49 18.95 26.03
CA CYS B 158 16.64 19.35 27.15
C CYS B 158 16.72 18.39 28.31
N PHE B 159 17.23 17.18 28.10
CA PHE B 159 17.22 16.16 29.11
C PHE B 159 18.42 16.29 30.05
N SER B 160 18.21 15.89 31.29
CA SER B 160 19.28 15.75 32.27
C SER B 160 19.74 14.29 32.26
N GLU B 161 20.90 14.03 32.86
CA GLU B 161 21.49 12.70 32.75
C GLU B 161 20.55 11.62 33.28
N GLU B 162 19.79 11.91 34.35
CA GLU B 162 18.80 10.93 34.81
C GLU B 162 17.73 10.71 33.75
N ASN B 163 17.28 11.78 33.09
CA ASN B 163 16.32 11.69 32.00
C ASN B 163 16.97 11.38 30.65
N HIS B 164 18.22 11.77 30.45
CA HIS B 164 18.91 11.46 29.19
C HIS B 164 19.24 9.99 29.08
N GLU B 165 19.57 9.34 30.18
CA GLU B 165 20.08 7.99 30.11
C GLU B 165 18.99 6.97 29.71
N PRO B 166 17.71 7.14 30.11
CA PRO B 166 16.72 6.11 29.76
C PRO B 166 16.63 5.88 28.28
N LEU B 167 16.50 6.96 27.53
CA LEU B 167 16.33 6.86 26.09
C LEU B 167 17.62 6.41 25.44
N ARG B 168 18.76 6.81 25.99
CA ARG B 168 20.04 6.31 25.48
C ARG B 168 20.12 4.80 25.58
N THR B 169 19.89 4.26 26.78
CA THR B 169 19.96 2.81 26.95
C THR B 169 18.85 2.09 26.20
N GLN B 170 17.65 2.66 26.15
CA GLN B 170 16.57 2.00 25.42
C GLN B 170 16.80 2.03 23.91
N CYS B 171 17.43 3.09 23.40
CA CYS B 171 17.88 3.08 22.01
C CYS B 171 18.88 1.96 21.81
N ALA B 172 19.84 1.82 22.72
CA ALA B 172 20.83 0.76 22.59
C ALA B 172 20.15 -0.61 22.54
N LEU B 173 19.22 -0.87 23.46
CA LEU B 173 18.56 -2.16 23.52
C LEU B 173 17.68 -2.40 22.30
N ALA B 174 16.81 -1.44 21.96
CA ALA B 174 15.92 -1.62 20.82
C ALA B 174 16.71 -1.81 19.53
N ALA B 175 17.71 -0.95 19.28
CA ALA B 175 18.55 -1.11 18.10
C ALA B 175 19.27 -2.46 18.10
N SER B 176 19.65 -2.97 19.28
CA SER B 176 20.38 -4.22 19.36
C SER B 176 19.47 -5.44 19.20
N LYS B 177 18.17 -5.28 19.37
CA LYS B 177 17.23 -6.37 19.24
C LYS B 177 16.51 -6.35 17.89
N LEU B 178 17.18 -5.90 16.84
CA LEU B 178 16.57 -5.94 15.53
C LEU B 178 16.58 -7.36 14.99
N LEU B 179 15.71 -7.61 14.01
CA LEU B 179 15.54 -8.96 13.47
C LEU B 179 16.78 -9.41 12.70
N LYS B 180 17.04 -8.78 11.56
CA LYS B 180 18.15 -9.19 10.72
C LYS B 180 19.49 -8.76 11.33
N LYS B 181 20.55 -9.45 10.91
CA LYS B 181 21.89 -9.23 11.44
C LYS B 181 22.51 -7.94 10.87
N PRO B 182 22.38 -7.67 9.56
CA PRO B 182 22.89 -6.38 9.07
C PRO B 182 22.18 -5.18 9.66
N ASP B 183 20.86 -5.31 9.83
CA ASP B 183 20.07 -4.26 10.47
C ASP B 183 20.59 -3.99 11.87
N GLN B 184 20.85 -5.06 12.62
CA GLN B 184 21.40 -4.93 13.97
C GLN B 184 22.73 -4.20 13.93
N GLY B 185 23.62 -4.61 13.02
CA GLY B 185 24.93 -3.98 12.97
C GLY B 185 24.84 -2.51 12.64
N ARG B 186 23.99 -2.15 11.70
CA ARG B 186 23.87 -0.74 11.31
C ARG B 186 23.27 0.09 12.44
N ALA B 187 22.25 -0.42 13.11
CA ALA B 187 21.64 0.33 14.20
C ALA B 187 22.62 0.51 15.37
N VAL B 188 23.32 -0.56 15.75
CA VAL B 188 24.28 -0.43 16.84
C VAL B 188 25.40 0.53 16.47
N SER B 189 25.82 0.52 15.20
CA SER B 189 26.83 1.48 14.79
C SER B 189 26.29 2.90 14.87
N THR B 190 25.04 3.11 14.45
CA THR B 190 24.44 4.43 14.52
C THR B 190 24.30 4.90 15.97
N CYS B 191 24.19 3.97 16.91
CA CYS B 191 23.93 4.35 18.30
C CYS B 191 25.08 5.12 18.95
N ALA B 192 26.30 5.03 18.42
CA ALA B 192 27.44 5.72 19.03
C ALA B 192 27.24 7.24 19.06
N HIS B 193 26.49 7.77 18.09
CA HIS B 193 26.35 9.22 17.99
C HIS B 193 25.66 9.81 19.22
N LEU B 194 24.83 9.02 19.90
CA LEU B 194 24.20 9.51 21.13
C LEU B 194 25.24 9.66 22.23
N PHE B 195 26.19 8.73 22.31
CA PHE B 195 27.23 8.79 23.33
C PHE B 195 28.29 9.84 23.03
N TRP B 196 28.47 10.20 21.75
CA TRP B 196 29.51 11.19 21.45
C TRP B 196 28.92 12.59 21.27
N SER B 197 28.11 12.78 20.22
CA SER B 197 27.62 14.11 19.86
C SER B 197 26.46 14.57 20.72
N GLY B 198 25.49 13.70 21.00
CA GLY B 198 24.30 14.05 21.76
C GLY B 198 24.57 14.74 23.08
N ARG B 199 23.83 15.80 23.38
CA ARG B 199 24.04 16.61 24.56
C ARG B 199 23.00 16.33 25.64
N ASN B 200 23.23 16.94 26.80
CA ASN B 200 22.34 16.90 27.95
C ASN B 200 22.55 18.16 28.79
N THR B 201 21.57 18.44 29.66
CA THR B 201 21.60 19.65 30.47
C THR B 201 22.71 19.64 31.52
N ASP B 202 23.04 18.48 32.09
CA ASP B 202 24.00 18.46 33.18
C ASP B 202 25.37 18.96 32.78
N LYS B 203 25.73 18.93 31.49
CA LYS B 203 26.98 19.50 31.04
C LYS B 203 26.83 20.95 30.59
N ASN B 204 25.78 21.64 31.05
CA ASN B 204 25.52 23.04 30.72
C ASN B 204 25.55 23.29 29.21
N GLY B 205 25.11 22.31 28.44
CA GLY B 205 25.07 22.46 27.00
C GLY B 205 26.08 21.64 26.22
N GLU B 206 27.28 21.42 26.74
CA GLU B 206 28.26 20.69 25.95
C GLU B 206 27.89 19.21 25.84
N GLU B 207 28.42 18.57 24.81
CA GLU B 207 28.12 17.18 24.50
C GLU B 207 28.73 16.26 25.55
N LEU B 208 28.19 15.04 25.63
CA LEU B 208 28.70 14.07 26.61
C LEU B 208 30.16 13.76 26.34
N HIS B 209 30.54 13.68 25.05
CA HIS B 209 31.88 13.30 24.63
C HIS B 209 32.30 11.98 25.28
N GLY B 210 31.37 11.03 25.32
CA GLY B 210 31.67 9.70 25.81
C GLY B 210 32.49 8.90 24.82
N GLY B 211 33.80 9.12 24.86
CA GLY B 211 34.68 8.50 23.88
C GLY B 211 34.76 6.99 24.01
N LYS B 212 34.83 6.50 25.24
CA LYS B 212 35.06 5.08 25.48
C LYS B 212 33.80 4.24 25.30
N ARG B 213 32.63 4.78 25.61
CA ARG B 213 31.39 4.07 25.27
C ARG B 213 31.19 3.99 23.77
N VAL B 214 31.68 4.98 23.01
CA VAL B 214 31.47 4.99 21.57
C VAL B 214 32.06 3.72 20.95
N MET B 215 33.29 3.35 21.34
CA MET B 215 33.93 2.18 20.76
C MET B 215 33.22 0.89 21.11
N GLU B 216 32.62 0.81 22.30
CA GLU B 216 31.90 -0.40 22.68
C GLU B 216 30.71 -0.68 21.76
N CYS B 217 30.07 0.39 21.28
CA CYS B 217 29.00 0.21 20.30
C CYS B 217 29.54 -0.32 18.98
N LEU B 218 30.59 0.32 18.45
CA LEU B 218 31.21 -0.17 17.22
C LEU B 218 31.78 -1.56 17.41
N LYS B 219 32.42 -1.83 18.55
CA LYS B 219 32.96 -3.17 18.79
C LYS B 219 31.84 -4.21 18.80
N LYS B 220 30.65 -3.85 19.28
CA LYS B 220 29.54 -4.79 19.20
C LYS B 220 29.01 -4.91 17.78
N ALA B 221 29.11 -3.84 17.00
CA ALA B 221 28.69 -3.92 15.61
C ALA B 221 29.63 -4.82 14.82
N LEU B 222 30.93 -4.76 15.08
CA LEU B 222 31.86 -5.66 14.40
C LEU B 222 31.64 -7.11 14.79
N LYS B 223 31.31 -7.37 16.06
CA LYS B 223 30.99 -8.74 16.46
C LYS B 223 29.76 -9.24 15.73
N ILE B 224 28.81 -8.34 15.46
CA ILE B 224 27.64 -8.71 14.68
C ILE B 224 28.02 -8.93 13.22
N ALA B 225 28.86 -8.03 12.69
CA ALA B 225 29.32 -8.21 11.32
C ALA B 225 30.06 -9.52 11.15
N ASN B 226 30.75 -9.98 12.19
CA ASN B 226 31.39 -11.30 12.12
C ASN B 226 30.40 -12.45 12.12
N GLN B 227 29.10 -12.17 12.27
CA GLN B 227 28.05 -13.19 12.30
C GLN B 227 27.11 -13.05 11.11
N CYS B 228 27.51 -12.32 10.07
CA CYS B 228 26.63 -12.11 8.93
C CYS B 228 26.48 -13.37 8.09
N MET B 229 27.50 -14.23 8.09
CA MET B 229 27.50 -15.49 7.33
C MET B 229 27.29 -15.26 5.83
N ASP B 230 27.80 -14.15 5.32
CA ASP B 230 27.72 -13.84 3.89
C ASP B 230 28.88 -12.90 3.59
N PRO B 231 29.95 -13.41 2.98
CA PRO B 231 31.16 -12.58 2.78
C PRO B 231 30.88 -11.22 2.14
N SER B 232 30.04 -11.18 1.11
CA SER B 232 29.75 -9.93 0.40
C SER B 232 29.20 -8.88 1.37
N LEU B 233 28.19 -9.26 2.16
CA LEU B 233 27.59 -8.34 3.12
C LEU B 233 28.53 -8.09 4.30
N GLN B 234 29.26 -9.13 4.72
CA GLN B 234 30.21 -9.01 5.81
C GLN B 234 31.23 -7.90 5.56
N VAL B 235 31.89 -7.96 4.41
CA VAL B 235 32.92 -6.98 4.10
C VAL B 235 32.33 -5.58 4.04
N GLN B 236 31.13 -5.46 3.48
CA GLN B 236 30.49 -4.14 3.41
C GLN B 236 30.28 -3.59 4.80
N LEU B 237 29.79 -4.42 5.72
CA LEU B 237 29.61 -3.97 7.10
C LEU B 237 30.94 -3.54 7.70
N PHE B 238 32.01 -4.28 7.41
CA PHE B 238 33.33 -3.86 7.91
C PHE B 238 33.72 -2.49 7.37
N ILE B 239 33.49 -2.23 6.09
CA ILE B 239 33.86 -0.92 5.55
C ILE B 239 33.02 0.19 6.20
N GLU B 240 31.73 -0.06 6.38
CA GLU B 240 30.87 0.96 6.99
C GLU B 240 31.31 1.28 8.42
N ILE B 241 31.53 0.22 9.21
CA ILE B 241 31.97 0.39 10.59
C ILE B 241 33.30 1.11 10.64
N LEU B 242 34.21 0.79 9.70
CA LEU B 242 35.50 1.46 9.65
C LEU B 242 35.32 2.96 9.39
N ASN B 243 34.41 3.32 8.49
CA ASN B 243 34.18 4.74 8.26
C ASN B 243 33.58 5.42 9.48
N ARG B 244 32.83 4.68 10.30
CA ARG B 244 32.37 5.29 11.55
C ARG B 244 33.56 5.57 12.48
N TYR B 245 34.52 4.64 12.50
CA TYR B 245 35.75 4.85 13.25
C TYR B 245 36.48 6.09 12.76
N ILE B 246 36.56 6.25 11.44
CA ILE B 246 37.19 7.44 10.87
C ILE B 246 36.45 8.69 11.32
N TYR B 247 35.11 8.64 11.32
CA TYR B 247 34.33 9.81 11.70
C TYR B 247 34.67 10.24 13.12
N PHE B 248 34.68 9.30 14.05
CA PHE B 248 34.97 9.69 15.43
C PHE B 248 36.44 10.08 15.62
N TYR B 249 37.36 9.44 14.91
CA TYR B 249 38.76 9.81 15.06
C TYR B 249 39.01 11.23 14.54
N GLU B 250 38.31 11.61 13.47
CA GLU B 250 38.47 12.95 12.94
C GLU B 250 37.78 14.01 13.78
N LYS B 251 36.99 13.60 14.77
CA LYS B 251 36.35 14.51 15.71
C LYS B 251 37.02 14.47 17.09
N GLU B 252 38.30 14.12 17.13
CA GLU B 252 39.11 14.09 18.36
C GLU B 252 38.50 13.15 19.41
N ASN B 253 38.39 11.88 19.05
CA ASN B 253 38.04 10.84 20.01
C ASN B 253 39.34 10.13 20.38
N ASP B 254 39.97 10.59 21.46
CA ASP B 254 41.27 10.07 21.88
C ASP B 254 41.27 8.56 22.11
N ALA B 255 40.09 7.95 22.27
CA ALA B 255 39.97 6.53 22.53
C ALA B 255 39.86 5.70 21.26
N VAL B 256 40.08 6.33 20.10
CA VAL B 256 40.03 5.63 18.83
C VAL B 256 41.48 5.49 18.38
N THR B 257 42.14 4.43 18.82
CA THR B 257 43.56 4.29 18.52
C THR B 257 43.76 3.98 17.04
N ILE B 258 44.84 4.54 16.49
CA ILE B 258 45.19 4.27 15.09
C ILE B 258 45.39 2.78 14.86
N GLN B 259 45.78 2.05 15.91
CA GLN B 259 45.99 0.61 15.75
C GLN B 259 44.69 -0.09 15.40
N VAL B 260 43.56 0.35 15.96
CA VAL B 260 42.29 -0.28 15.64
C VAL B 260 41.96 -0.06 14.18
N LEU B 261 42.27 1.14 13.67
CA LEU B 261 42.09 1.40 12.25
C LEU B 261 42.92 0.41 11.43
N ASN B 262 44.19 0.25 11.78
CA ASN B 262 45.04 -0.67 11.02
C ASN B 262 44.54 -2.11 11.06
N GLN B 263 44.10 -2.60 12.23
CA GLN B 263 43.61 -3.98 12.31
C GLN B 263 42.33 -4.16 11.51
N LEU B 264 41.44 -3.17 11.58
CA LEU B 264 40.18 -3.30 10.87
C LEU B 264 40.38 -3.25 9.36
N ILE B 265 41.29 -2.39 8.89
CA ILE B 265 41.56 -2.36 7.45
C ILE B 265 42.32 -3.61 7.03
N GLN B 266 43.07 -4.19 7.96
CA GLN B 266 43.78 -5.42 7.66
C GLN B 266 42.79 -6.56 7.41
N LYS B 267 41.72 -6.65 8.22
CA LYS B 267 40.74 -7.71 7.97
C LYS B 267 40.10 -7.56 6.58
N ILE B 268 39.89 -6.33 6.13
CA ILE B 268 39.27 -6.12 4.82
C ILE B 268 40.26 -6.50 3.72
N ARG B 269 41.52 -6.07 3.83
CA ARG B 269 42.49 -6.50 2.81
C ARG B 269 42.65 -8.01 2.81
N GLU B 270 42.48 -8.64 3.97
CA GLU B 270 42.59 -10.09 4.08
C GLU B 270 41.48 -10.79 3.29
N ASP B 271 40.23 -10.37 3.50
CA ASP B 271 39.10 -11.08 2.89
C ASP B 271 38.32 -10.23 1.87
N LEU B 272 39.00 -9.33 1.16
CA LEU B 272 38.40 -8.61 0.04
C LEU B 272 38.52 -9.41 -1.25
N PRO B 273 39.75 -9.88 -1.66
CA PRO B 273 39.83 -10.72 -2.86
C PRO B 273 38.97 -11.98 -2.79
N ASN B 274 38.37 -12.25 -1.63
CA ASN B 274 37.59 -13.46 -1.46
C ASN B 274 36.21 -13.39 -2.10
N LEU B 275 35.98 -12.39 -2.94
CA LEU B 275 34.75 -12.25 -3.71
C LEU B 275 35.08 -12.08 -5.18
N GLU B 276 34.11 -12.41 -6.03
CA GLU B 276 34.25 -12.40 -7.48
C GLU B 276 33.49 -11.25 -8.13
N SER B 277 33.92 -10.93 -9.35
CA SER B 277 33.41 -9.79 -10.11
C SER B 277 31.89 -9.73 -10.16
N SER B 278 31.37 -8.51 -10.14
CA SER B 278 29.96 -8.14 -10.11
C SER B 278 29.91 -6.62 -10.02
N GLU B 279 28.71 -6.07 -10.22
CA GLU B 279 28.52 -4.64 -9.98
C GLU B 279 28.65 -4.32 -8.49
N GLU B 280 28.02 -5.15 -7.65
CA GLU B 280 28.10 -4.96 -6.20
C GLU B 280 29.54 -4.93 -5.70
N THR B 281 30.37 -5.88 -6.14
CA THR B 281 31.75 -5.88 -5.67
C THR B 281 32.53 -4.70 -6.21
N GLU B 282 32.18 -4.21 -7.42
CA GLU B 282 32.82 -3.01 -7.93
C GLU B 282 32.50 -1.80 -7.05
N GLN B 283 31.24 -1.69 -6.61
CA GLN B 283 30.89 -0.61 -5.69
C GLN B 283 31.59 -0.79 -4.34
N ILE B 284 31.65 -2.03 -3.82
CA ILE B 284 32.32 -2.27 -2.54
C ILE B 284 33.79 -1.89 -2.63
N ASN B 285 34.45 -2.30 -3.71
CA ASN B 285 35.85 -1.95 -3.93
C ASN B 285 36.03 -0.44 -4.03
N LYS B 286 35.10 0.25 -4.70
CA LYS B 286 35.23 1.70 -4.79
C LYS B 286 34.97 2.37 -3.45
N HIS B 287 34.06 1.82 -2.64
CA HIS B 287 33.83 2.33 -1.29
C HIS B 287 35.11 2.27 -0.46
N PHE B 288 35.73 1.09 -0.43
CA PHE B 288 36.98 0.91 0.31
C PHE B 288 38.12 1.75 -0.28
N HIS B 289 38.29 1.72 -1.60
CA HIS B 289 39.35 2.51 -2.22
C HIS B 289 39.18 3.99 -1.91
N ASN B 290 37.93 4.48 -1.86
CA ASN B 290 37.68 5.88 -1.54
C ASN B 290 37.98 6.18 -0.08
N THR B 291 37.65 5.24 0.81
CA THR B 291 37.98 5.39 2.22
C THR B 291 39.49 5.51 2.43
N LEU B 292 40.26 4.61 1.81
CA LEU B 292 41.71 4.73 1.93
C LEU B 292 42.23 6.00 1.29
N GLU B 293 41.69 6.39 0.13
CA GLU B 293 42.20 7.60 -0.50
C GLU B 293 41.89 8.83 0.34
N HIS B 294 40.80 8.80 1.12
CA HIS B 294 40.57 9.85 2.10
C HIS B 294 41.63 9.80 3.19
N LEU B 295 41.94 8.60 3.68
CA LEU B 295 42.98 8.47 4.69
C LEU B 295 44.32 9.03 4.18
N ARG B 296 44.69 8.68 2.94
CA ARG B 296 45.93 9.17 2.35
C ARG B 296 45.94 10.69 2.24
N SER B 297 44.78 11.30 2.02
CA SER B 297 44.69 12.75 1.97
C SER B 297 45.10 13.32 3.34
N ARG B 298 46.11 14.19 3.34
CA ARG B 298 46.72 14.72 4.56
C ARG B 298 47.13 13.57 5.49
N ARG B 299 48.13 12.85 4.98
CA ARG B 299 48.73 11.69 5.61
C ARG B 299 49.33 12.00 6.97
N GLU B 300 48.68 11.57 8.06
CA GLU B 300 49.03 12.06 9.38
C GLU B 300 50.02 11.15 10.11
N SER B 301 49.68 9.87 10.23
CA SER B 301 50.38 8.91 11.08
C SER B 301 50.31 7.65 10.22
N PRO B 302 50.53 6.40 10.71
CA PRO B 302 50.72 5.43 9.61
C PRO B 302 49.53 5.16 8.69
N PHE C 5 -39.06 -38.84 18.10
CA PHE C 5 -37.80 -38.17 18.43
C PHE C 5 -37.76 -37.75 19.89
N GLY C 6 -36.59 -37.31 20.32
CA GLY C 6 -36.41 -36.81 21.67
C GLY C 6 -35.46 -35.64 21.73
N THR C 7 -34.44 -35.64 20.87
CA THR C 7 -33.41 -34.62 20.88
C THR C 7 -33.62 -33.66 19.72
N ARG C 8 -32.84 -32.58 19.74
CA ARG C 8 -32.75 -31.63 18.64
C ARG C 8 -31.55 -32.05 17.79
N ASP C 9 -31.82 -32.84 16.75
CA ASP C 9 -30.75 -33.43 15.95
C ASP C 9 -29.87 -32.35 15.34
N ARG C 10 -28.57 -32.65 15.23
CA ARG C 10 -27.55 -31.69 14.85
C ARG C 10 -26.62 -32.24 13.79
N MET C 11 -26.41 -31.44 12.74
CA MET C 11 -25.52 -31.75 11.65
C MET C 11 -24.48 -30.65 11.50
N LEU C 12 -23.26 -31.03 11.16
CA LEU C 12 -22.18 -30.07 10.93
C LEU C 12 -21.63 -30.24 9.52
N VAL C 13 -21.36 -29.11 8.87
CA VAL C 13 -20.94 -29.01 7.48
C VAL C 13 -19.61 -28.28 7.42
N LEU C 14 -18.86 -28.53 6.35
CA LEU C 14 -17.56 -27.91 6.11
C LEU C 14 -17.68 -26.98 4.92
N VAL C 15 -17.45 -25.68 5.16
CA VAL C 15 -17.53 -24.67 4.12
C VAL C 15 -16.12 -24.15 3.87
N LEU C 16 -15.61 -24.38 2.66
CA LEU C 16 -14.27 -23.96 2.29
C LEU C 16 -14.22 -23.79 0.79
N GLY C 17 -13.30 -22.96 0.31
CA GLY C 17 -13.19 -22.77 -1.11
C GLY C 17 -11.91 -22.06 -1.50
N ASP C 18 -11.83 -21.73 -2.79
CA ASP C 18 -10.71 -21.00 -3.36
C ASP C 18 -9.39 -21.67 -3.01
N LEU C 19 -9.32 -22.97 -3.30
CA LEU C 19 -8.10 -23.71 -3.04
C LEU C 19 -7.01 -23.36 -4.05
N HIS C 20 -7.39 -23.17 -5.31
CA HIS C 20 -6.46 -22.78 -6.38
C HIS C 20 -5.24 -23.70 -6.42
N ILE C 21 -5.53 -25.00 -6.47
CA ILE C 21 -4.51 -26.04 -6.52
C ILE C 21 -4.43 -26.52 -7.97
N PRO C 22 -3.28 -26.43 -8.64
CA PRO C 22 -1.97 -25.95 -8.21
C PRO C 22 -1.54 -24.64 -8.86
N HIS C 23 -2.48 -23.84 -9.36
CA HIS C 23 -2.11 -22.59 -10.03
C HIS C 23 -1.37 -21.64 -9.10
N ARG C 24 -1.89 -21.39 -7.91
CA ARG C 24 -1.20 -20.54 -6.94
C ARG C 24 -0.91 -21.22 -5.62
N CYS C 25 -1.22 -22.50 -5.48
CA CYS C 25 -1.09 -23.15 -4.18
C CYS C 25 -0.72 -24.62 -4.37
N ASN C 26 0.35 -25.04 -3.68
CA ASN C 26 0.77 -26.43 -3.73
C ASN C 26 -0.27 -27.33 -3.06
N SER C 27 -0.59 -27.02 -1.81
CA SER C 27 -1.58 -27.75 -1.03
C SER C 27 -2.01 -26.85 0.11
N LEU C 28 -2.85 -27.38 0.98
CA LEU C 28 -3.39 -26.64 2.11
C LEU C 28 -2.26 -26.43 3.11
N PRO C 29 -2.43 -25.66 4.19
CA PRO C 29 -1.38 -25.67 5.21
C PRO C 29 -1.46 -26.95 6.03
N ALA C 30 -0.31 -27.56 6.28
CA ALA C 30 -0.26 -28.83 7.00
C ALA C 30 -1.08 -28.75 8.27
N LYS C 31 -0.92 -27.66 9.03
CA LYS C 31 -1.63 -27.46 10.28
C LYS C 31 -3.13 -27.59 10.08
N PHE C 32 -3.65 -27.05 8.97
CA PHE C 32 -5.06 -27.21 8.62
C PHE C 32 -5.39 -28.67 8.35
N LYS C 33 -4.55 -29.35 7.55
CA LYS C 33 -4.75 -30.76 7.25
C LYS C 33 -4.87 -31.62 8.50
N LYS C 34 -4.20 -31.22 9.60
CA LYS C 34 -4.27 -32.04 10.82
C LYS C 34 -5.64 -31.97 11.48
N LEU C 35 -6.26 -30.78 11.52
CA LEU C 35 -7.60 -30.71 12.08
C LEU C 35 -8.63 -31.35 11.16
N LEU C 36 -8.29 -31.53 9.89
CA LEU C 36 -9.18 -32.14 8.92
C LEU C 36 -8.94 -33.65 8.93
N VAL C 37 -9.86 -34.39 9.53
CA VAL C 37 -9.78 -35.84 9.58
C VAL C 37 -11.07 -36.40 9.00
N PRO C 38 -11.04 -37.54 8.33
CA PRO C 38 -12.26 -38.08 7.73
C PRO C 38 -13.27 -38.52 8.78
N GLY C 39 -14.46 -38.87 8.29
CA GLY C 39 -15.49 -39.44 9.13
C GLY C 39 -16.35 -38.46 9.90
N LYS C 40 -15.70 -37.46 10.52
CA LYS C 40 -16.42 -36.54 11.40
C LYS C 40 -17.43 -35.68 10.65
N ILE C 41 -17.08 -35.23 9.44
CA ILE C 41 -17.89 -34.27 8.67
C ILE C 41 -18.77 -35.03 7.69
N GLN C 42 -20.10 -34.85 7.80
CA GLN C 42 -21.03 -35.48 6.86
C GLN C 42 -21.19 -34.68 5.56
N HIS C 43 -21.24 -33.35 5.62
CA HIS C 43 -21.48 -32.53 4.44
C HIS C 43 -20.32 -31.58 4.18
N ILE C 44 -20.12 -31.23 2.91
CA ILE C 44 -19.05 -30.36 2.46
C ILE C 44 -19.61 -29.37 1.45
N LEU C 45 -19.45 -28.08 1.72
CA LEU C 45 -19.87 -27.02 0.80
C LEU C 45 -18.62 -26.32 0.27
N CYS C 46 -18.31 -26.51 -1.01
CA CYS C 46 -17.14 -25.89 -1.62
C CYS C 46 -17.57 -24.81 -2.59
N THR C 47 -16.86 -23.68 -2.59
CA THR C 47 -17.21 -22.53 -3.41
C THR C 47 -16.20 -22.27 -4.50
N GLY C 48 -14.94 -22.06 -4.12
CA GLY C 48 -13.90 -21.59 -5.01
C GLY C 48 -13.33 -22.57 -6.01
N ASN C 49 -12.17 -22.23 -6.55
CA ASN C 49 -11.50 -23.03 -7.57
C ASN C 49 -10.49 -23.96 -6.90
N LEU C 50 -10.90 -25.20 -6.67
CA LEU C 50 -9.90 -26.26 -6.53
C LEU C 50 -9.16 -26.47 -7.84
N CYS C 51 -9.84 -26.25 -8.96
CA CYS C 51 -9.29 -26.36 -10.31
C CYS C 51 -8.33 -27.54 -10.53
N THR C 52 -8.65 -28.69 -9.92
CA THR C 52 -7.96 -29.93 -10.26
C THR C 52 -8.74 -31.14 -9.73
N LYS C 53 -8.72 -32.28 -10.43
CA LYS C 53 -9.46 -33.42 -9.88
C LYS C 53 -8.82 -33.95 -8.60
N GLU C 54 -7.54 -33.63 -8.38
CA GLU C 54 -6.84 -34.01 -7.15
C GLU C 54 -7.60 -33.53 -5.92
N SER C 55 -7.88 -32.24 -5.87
CA SER C 55 -8.61 -31.69 -4.73
C SER C 55 -10.05 -32.19 -4.71
N TYR C 56 -10.59 -32.58 -5.86
CA TYR C 56 -11.94 -33.14 -5.87
C TYR C 56 -11.98 -34.44 -5.10
N ASP C 57 -11.02 -35.34 -5.34
CA ASP C 57 -11.02 -36.56 -4.56
C ASP C 57 -10.52 -36.38 -3.13
N TYR C 58 -9.70 -35.36 -2.84
CA TYR C 58 -9.39 -35.08 -1.44
C TYR C 58 -10.66 -34.68 -0.69
N LEU C 59 -11.41 -33.72 -1.25
CA LEU C 59 -12.66 -33.31 -0.63
C LEU C 59 -13.64 -34.48 -0.57
N LYS C 60 -13.50 -35.43 -1.48
CA LYS C 60 -14.29 -36.67 -1.41
C LYS C 60 -13.77 -37.60 -0.32
N THR C 61 -12.51 -37.44 0.11
CA THR C 61 -12.04 -38.20 1.27
C THR C 61 -12.65 -37.67 2.55
N LEU C 62 -12.74 -36.34 2.70
CA LEU C 62 -13.26 -35.80 3.96
C LEU C 62 -14.70 -36.24 4.23
N ALA C 63 -15.55 -36.30 3.20
CA ALA C 63 -16.94 -36.66 3.45
C ALA C 63 -17.54 -37.32 2.21
N GLY C 64 -18.73 -37.88 2.40
CA GLY C 64 -19.46 -38.55 1.35
C GLY C 64 -20.29 -37.62 0.47
N ASP C 65 -20.92 -36.62 1.10
CA ASP C 65 -21.74 -35.65 0.38
C ASP C 65 -20.86 -34.44 0.07
N VAL C 66 -20.41 -34.35 -1.18
CA VAL C 66 -19.57 -33.26 -1.65
C VAL C 66 -20.40 -32.39 -2.59
N HIS C 67 -20.34 -31.08 -2.39
CA HIS C 67 -21.10 -30.11 -3.18
C HIS C 67 -20.15 -29.03 -3.67
N ILE C 68 -19.94 -28.98 -4.99
CA ILE C 68 -19.01 -28.04 -5.59
C ILE C 68 -19.79 -27.14 -6.56
N VAL C 69 -19.27 -25.94 -6.78
CA VAL C 69 -19.86 -25.00 -7.71
C VAL C 69 -18.76 -24.49 -8.64
N ARG C 70 -19.15 -24.14 -9.88
CA ARG C 70 -18.18 -23.69 -10.85
C ARG C 70 -17.48 -22.42 -10.37
N GLY C 71 -16.15 -22.42 -10.48
CA GLY C 71 -15.35 -21.23 -10.29
C GLY C 71 -14.86 -20.71 -11.63
N ASP C 72 -14.02 -19.67 -11.56
CA ASP C 72 -13.50 -19.09 -12.79
C ASP C 72 -12.38 -19.94 -13.39
N PHE C 73 -11.61 -20.65 -12.56
CA PHE C 73 -10.47 -21.42 -13.04
C PHE C 73 -10.69 -22.93 -12.96
N ASP C 74 -11.94 -23.38 -12.85
CA ASP C 74 -12.20 -24.80 -12.62
C ASP C 74 -12.08 -25.60 -13.90
N GLU C 75 -11.20 -26.60 -13.88
CA GLU C 75 -11.01 -27.49 -15.02
C GLU C 75 -12.29 -28.22 -15.36
N ASN C 76 -12.86 -28.91 -14.37
CA ASN C 76 -14.08 -29.68 -14.57
C ASN C 76 -15.22 -28.70 -14.84
N LEU C 77 -15.61 -28.59 -16.12
CA LEU C 77 -16.60 -27.61 -16.53
C LEU C 77 -17.99 -28.14 -16.18
N ASN C 78 -18.02 -29.34 -15.61
CA ASN C 78 -19.27 -30.03 -15.42
C ASN C 78 -20.03 -29.56 -14.17
N TYR C 79 -19.33 -29.10 -13.13
CA TYR C 79 -20.03 -28.63 -11.94
C TYR C 79 -20.93 -27.45 -12.29
N PRO C 80 -22.09 -27.31 -11.62
CA PRO C 80 -22.96 -26.18 -11.92
C PRO C 80 -22.39 -24.88 -11.39
N GLU C 81 -22.84 -23.78 -11.99
CA GLU C 81 -22.36 -22.46 -11.61
C GLU C 81 -22.79 -22.10 -10.19
N GLN C 82 -24.00 -22.52 -9.82
CA GLN C 82 -24.60 -22.17 -8.53
C GLN C 82 -25.57 -23.27 -8.15
N LYS C 83 -25.57 -23.65 -6.87
CA LYS C 83 -26.47 -24.72 -6.43
C LYS C 83 -27.10 -24.39 -5.08
N VAL C 84 -28.30 -24.92 -4.87
CA VAL C 84 -29.07 -24.68 -3.65
C VAL C 84 -29.31 -26.01 -2.97
N VAL C 85 -28.78 -26.17 -1.77
CA VAL C 85 -28.88 -27.41 -1.01
C VAL C 85 -29.59 -27.11 0.30
N THR C 86 -30.37 -28.08 0.77
CA THR C 86 -31.11 -27.94 2.03
C THR C 86 -30.44 -28.82 3.07
N VAL C 87 -30.20 -28.25 4.26
CA VAL C 87 -29.62 -29.03 5.36
C VAL C 87 -30.46 -28.75 6.61
N GLY C 88 -31.13 -29.78 7.11
CA GLY C 88 -31.98 -29.60 8.27
C GLY C 88 -33.17 -28.73 7.93
N GLN C 89 -33.21 -27.54 8.50
CA GLN C 89 -34.26 -26.57 8.19
C GLN C 89 -33.75 -25.41 7.36
N PHE C 90 -32.45 -25.36 7.06
CA PHE C 90 -31.86 -24.23 6.34
C PHE C 90 -31.75 -24.48 4.84
N LYS C 91 -32.14 -23.48 4.08
CA LYS C 91 -31.90 -23.41 2.65
C LYS C 91 -30.58 -22.69 2.44
N ILE C 92 -29.59 -23.38 1.86
CA ILE C 92 -28.25 -22.86 1.69
C ILE C 92 -28.02 -22.63 0.20
N GLY C 93 -27.47 -21.47 -0.14
CA GLY C 93 -27.17 -21.11 -1.52
C GLY C 93 -25.67 -21.05 -1.73
N LEU C 94 -25.21 -21.61 -2.85
CA LEU C 94 -23.80 -21.73 -3.17
C LEU C 94 -23.50 -21.10 -4.52
N ILE C 95 -22.50 -20.23 -4.53
CA ILE C 95 -22.00 -19.59 -5.73
C ILE C 95 -20.58 -19.15 -5.45
N HIS C 96 -19.72 -19.24 -6.47
CA HIS C 96 -18.33 -18.84 -6.28
C HIS C 96 -18.24 -17.37 -5.89
N GLY C 97 -18.95 -16.51 -6.62
CA GLY C 97 -18.99 -15.09 -6.33
C GLY C 97 -18.34 -14.18 -7.35
N HIS C 98 -18.04 -14.69 -8.56
CA HIS C 98 -17.44 -13.86 -9.60
C HIS C 98 -18.45 -13.25 -10.57
N GLN C 99 -19.71 -13.68 -10.56
CA GLN C 99 -20.74 -12.91 -11.26
C GLN C 99 -21.43 -11.94 -10.33
N VAL C 100 -21.04 -11.90 -9.06
CA VAL C 100 -21.69 -11.01 -8.08
C VAL C 100 -20.88 -9.72 -8.13
N ILE C 101 -21.25 -8.84 -9.06
CA ILE C 101 -20.61 -7.54 -9.22
C ILE C 101 -21.31 -6.49 -8.36
N PRO C 102 -20.58 -5.59 -7.69
CA PRO C 102 -19.14 -5.65 -7.39
C PRO C 102 -18.75 -6.91 -6.61
N TRP C 103 -17.52 -7.39 -6.83
CA TRP C 103 -17.09 -8.69 -6.32
C TRP C 103 -17.31 -8.83 -4.82
N GLY C 104 -16.98 -7.79 -4.04
CA GLY C 104 -17.15 -7.85 -2.60
C GLY C 104 -18.31 -7.06 -2.05
N ASP C 105 -19.19 -6.53 -2.90
CA ASP C 105 -20.28 -5.68 -2.44
C ASP C 105 -21.32 -6.50 -1.68
N MET C 106 -21.56 -6.11 -0.42
CA MET C 106 -22.58 -6.77 0.37
C MET C 106 -23.97 -6.50 -0.21
N ALA C 107 -24.19 -5.30 -0.75
CA ALA C 107 -25.51 -4.97 -1.28
C ALA C 107 -25.86 -5.83 -2.50
N SER C 108 -24.86 -6.31 -3.22
CA SER C 108 -25.14 -7.22 -4.33
C SER C 108 -25.44 -8.63 -3.81
N LEU C 109 -24.85 -9.00 -2.67
CA LEU C 109 -25.07 -10.32 -2.10
C LEU C 109 -26.50 -10.48 -1.58
N ALA C 110 -27.03 -9.45 -0.92
CA ALA C 110 -28.41 -9.54 -0.46
C ALA C 110 -29.36 -9.67 -1.65
N LEU C 111 -29.02 -9.05 -2.78
CA LEU C 111 -29.81 -9.18 -3.99
C LEU C 111 -29.76 -10.60 -4.53
N LEU C 112 -28.57 -11.21 -4.57
CA LEU C 112 -28.50 -12.60 -4.98
C LEU C 112 -29.30 -13.48 -4.03
N GLN C 113 -29.29 -13.15 -2.74
CA GLN C 113 -30.09 -13.90 -1.78
C GLN C 113 -31.57 -13.84 -2.14
N ARG C 114 -32.07 -12.62 -2.43
CA ARG C 114 -33.48 -12.48 -2.79
C ARG C 114 -33.80 -13.34 -4.00
N GLN C 115 -32.91 -13.37 -4.99
CA GLN C 115 -33.11 -14.26 -6.11
C GLN C 115 -33.16 -15.72 -5.67
N PHE C 116 -32.31 -16.08 -4.70
CA PHE C 116 -32.21 -17.47 -4.24
C PHE C 116 -33.30 -17.85 -3.24
N ASP C 117 -33.67 -16.93 -2.35
CA ASP C 117 -34.49 -17.23 -1.18
C ASP C 117 -33.82 -18.29 -0.31
N VAL C 118 -32.52 -18.17 -0.12
CA VAL C 118 -31.79 -18.97 0.85
C VAL C 118 -31.62 -18.13 2.10
N ASP C 119 -31.56 -18.81 3.25
CA ASP C 119 -31.30 -18.13 4.51
C ASP C 119 -29.82 -18.00 4.82
N ILE C 120 -28.96 -18.79 4.16
CA ILE C 120 -27.52 -18.67 4.32
C ILE C 120 -26.91 -18.68 2.93
N LEU C 121 -26.18 -17.61 2.59
CA LEU C 121 -25.57 -17.45 1.29
C LEU C 121 -24.07 -17.65 1.43
N ILE C 122 -23.53 -18.57 0.65
CA ILE C 122 -22.15 -19.00 0.77
C ILE C 122 -21.46 -18.59 -0.53
N SER C 123 -20.36 -17.83 -0.42
CA SER C 123 -19.67 -17.33 -1.61
C SER C 123 -18.19 -17.13 -1.30
N GLY C 124 -17.41 -16.86 -2.35
CA GLY C 124 -15.99 -16.61 -2.27
C GLY C 124 -15.48 -15.50 -3.16
N HIS C 125 -14.39 -15.77 -3.89
CA HIS C 125 -13.69 -14.88 -4.82
C HIS C 125 -13.18 -13.59 -4.19
N THR C 126 -13.41 -13.40 -2.90
CA THR C 126 -12.76 -12.28 -2.24
C THR C 126 -11.54 -12.74 -1.46
N HIS C 127 -11.43 -14.04 -1.20
CA HIS C 127 -10.36 -14.64 -0.42
C HIS C 127 -10.29 -14.07 1.00
N LYS C 128 -11.34 -13.38 1.42
CA LYS C 128 -11.42 -12.80 2.75
C LYS C 128 -12.64 -13.40 3.45
N PHE C 129 -12.45 -13.83 4.69
CA PHE C 129 -13.53 -14.43 5.46
C PHE C 129 -14.47 -13.36 5.97
N GLU C 130 -15.77 -13.59 5.79
CA GLU C 130 -16.78 -12.66 6.27
C GLU C 130 -18.00 -13.44 6.75
N ALA C 131 -18.54 -13.07 7.90
CA ALA C 131 -19.73 -13.74 8.43
C ALA C 131 -20.63 -12.67 9.02
N PHE C 132 -21.77 -12.41 8.38
CA PHE C 132 -22.60 -11.34 8.90
C PHE C 132 -24.07 -11.63 8.64
N GLU C 133 -24.90 -10.92 9.40
CA GLU C 133 -26.35 -11.01 9.31
C GLU C 133 -26.90 -9.68 8.83
N HIS C 134 -27.70 -9.72 7.78
CA HIS C 134 -28.33 -8.54 7.19
C HIS C 134 -29.74 -8.89 6.80
N GLU C 135 -30.70 -8.05 7.19
CA GLU C 135 -32.11 -8.27 6.90
C GLU C 135 -32.56 -9.65 7.39
N ASN C 136 -32.05 -10.03 8.57
CA ASN C 136 -32.36 -11.32 9.20
C ASN C 136 -31.94 -12.50 8.32
N LYS C 137 -30.91 -12.31 7.49
CA LYS C 137 -30.34 -13.39 6.70
C LYS C 137 -28.84 -13.45 6.93
N PHE C 138 -28.23 -14.59 6.59
CA PHE C 138 -26.83 -14.85 6.91
C PHE C 138 -26.01 -15.01 5.64
N TYR C 139 -24.85 -14.34 5.61
CA TYR C 139 -23.94 -14.40 4.49
C TYR C 139 -22.56 -14.78 5.01
N ILE C 140 -21.94 -15.76 4.37
CA ILE C 140 -20.68 -16.33 4.81
C ILE C 140 -19.72 -16.42 3.63
N ASN C 141 -18.48 -16.05 3.87
CA ASN C 141 -17.37 -16.17 2.93
C ASN C 141 -16.22 -16.88 3.63
N PRO C 142 -15.96 -18.15 3.31
CA PRO C 142 -14.83 -18.84 3.94
C PRO C 142 -13.50 -18.20 3.58
N GLY C 143 -13.32 -17.83 2.32
CA GLY C 143 -12.05 -17.31 1.82
C GLY C 143 -11.30 -18.42 1.14
N SER C 144 -9.98 -18.36 1.12
CA SER C 144 -9.16 -19.42 0.56
C SER C 144 -8.62 -20.27 1.71
N ALA C 145 -8.97 -21.55 1.72
CA ALA C 145 -8.45 -22.43 2.76
C ALA C 145 -6.93 -22.52 2.71
N THR C 146 -6.36 -22.35 1.51
CA THR C 146 -4.91 -22.35 1.32
C THR C 146 -4.36 -20.94 1.25
N GLY C 147 -5.19 -19.93 1.48
CA GLY C 147 -4.77 -18.54 1.42
C GLY C 147 -4.11 -18.16 0.11
N ALA C 148 -4.80 -18.42 -1.00
CA ALA C 148 -4.21 -18.20 -2.31
C ALA C 148 -4.00 -16.72 -2.58
N TYR C 149 -3.37 -16.43 -3.72
CA TYR C 149 -3.11 -15.06 -4.12
C TYR C 149 -4.39 -14.38 -4.58
N ASN C 150 -4.57 -13.12 -4.17
CA ASN C 150 -5.66 -12.28 -4.64
C ASN C 150 -5.06 -10.95 -5.06
N ALA C 151 -5.41 -10.50 -6.26
CA ALA C 151 -4.82 -9.28 -6.79
C ALA C 151 -5.17 -8.07 -5.93
N LEU C 152 -6.32 -8.10 -5.26
CA LEU C 152 -6.79 -6.96 -4.49
C LEU C 152 -6.29 -6.93 -3.07
N GLU C 153 -5.83 -8.05 -2.52
CA GLU C 153 -5.37 -8.11 -1.14
C GLU C 153 -3.98 -8.71 -1.05
N THR C 154 -3.10 -8.04 -0.32
CA THR C 154 -1.72 -8.48 -0.14
C THR C 154 -1.50 -9.26 1.16
N ASN C 155 -2.35 -9.05 2.16
CA ASN C 155 -2.26 -9.76 3.44
C ASN C 155 -3.40 -10.78 3.50
N ILE C 156 -3.16 -11.95 2.93
CA ILE C 156 -4.15 -13.00 2.86
C ILE C 156 -3.91 -13.97 4.00
N ILE C 157 -4.99 -14.34 4.70
CA ILE C 157 -4.92 -15.24 5.84
C ILE C 157 -5.68 -16.51 5.47
N PRO C 158 -5.02 -17.67 5.43
CA PRO C 158 -5.75 -18.91 5.14
C PRO C 158 -6.81 -19.15 6.19
N SER C 159 -8.00 -19.53 5.73
CA SER C 159 -9.12 -19.68 6.65
C SER C 159 -10.13 -20.64 6.06
N PHE C 160 -10.93 -21.23 6.94
CA PHE C 160 -12.08 -21.99 6.48
C PHE C 160 -13.14 -21.92 7.57
N VAL C 161 -14.36 -22.29 7.18
CA VAL C 161 -15.53 -22.09 8.01
C VAL C 161 -16.31 -23.39 8.04
N LEU C 162 -16.77 -23.78 9.22
CA LEU C 162 -17.70 -24.89 9.29
C LEU C 162 -18.85 -24.46 10.17
N MET C 163 -20.06 -24.78 9.73
CA MET C 163 -21.27 -24.37 10.42
C MET C 163 -21.95 -25.60 10.98
N ASP C 164 -22.30 -25.55 12.27
CA ASP C 164 -22.90 -26.69 12.94
C ASP C 164 -24.39 -26.41 13.04
N ILE C 165 -25.08 -26.74 11.96
CA ILE C 165 -26.52 -26.60 11.87
C ILE C 165 -27.19 -27.58 12.82
N GLN C 166 -27.69 -27.05 13.93
CA GLN C 166 -28.35 -27.86 14.96
C GLN C 166 -29.82 -27.46 15.02
N ALA C 167 -30.52 -27.62 13.90
CA ALA C 167 -31.96 -27.45 13.72
C ALA C 167 -32.41 -25.99 13.77
N SER C 168 -31.50 -25.04 14.00
CA SER C 168 -31.87 -23.63 14.08
C SER C 168 -30.61 -22.82 14.35
N THR C 169 -30.21 -22.73 15.61
CA THR C 169 -29.02 -21.97 15.92
C THR C 169 -27.88 -22.55 15.09
N VAL C 170 -27.46 -21.86 14.04
CA VAL C 170 -26.31 -22.31 13.29
C VAL C 170 -25.14 -21.61 13.95
N VAL C 171 -24.20 -22.42 14.41
CA VAL C 171 -22.98 -21.93 15.03
C VAL C 171 -21.88 -22.15 14.02
N THR C 172 -21.25 -21.06 13.62
CA THR C 172 -20.26 -21.07 12.56
C THR C 172 -18.93 -20.78 13.20
N TYR C 173 -17.98 -21.70 13.01
CA TYR C 173 -16.64 -21.55 13.53
C TYR C 173 -15.73 -21.28 12.35
N VAL C 174 -14.83 -20.34 12.53
CA VAL C 174 -13.92 -19.93 11.47
C VAL C 174 -12.50 -20.12 11.98
N TYR C 175 -11.78 -21.05 11.35
CA TYR C 175 -10.39 -21.28 11.64
C TYR C 175 -9.53 -20.40 10.74
N GLN C 176 -8.48 -19.85 11.33
CA GLN C 176 -7.59 -18.90 10.67
C GLN C 176 -6.17 -19.23 11.08
N LEU C 177 -5.25 -19.19 10.13
CA LEU C 177 -3.85 -19.42 10.42
C LEU C 177 -3.19 -18.04 10.54
N ILE C 178 -3.33 -17.44 11.71
CA ILE C 178 -2.67 -16.18 12.03
C ILE C 178 -1.31 -16.54 12.62
N GLY C 179 -0.25 -16.24 11.89
CA GLY C 179 1.09 -16.65 12.31
C GLY C 179 1.28 -18.12 12.01
N ASP C 180 1.63 -18.89 13.04
CA ASP C 180 1.71 -20.34 12.94
C ASP C 180 0.67 -21.03 13.81
N ASP C 181 -0.09 -20.26 14.59
CA ASP C 181 -1.14 -20.81 15.45
C ASP C 181 -2.49 -20.70 14.76
N VAL C 182 -3.37 -21.66 15.02
CA VAL C 182 -4.72 -21.66 14.48
C VAL C 182 -5.62 -20.94 15.48
N LYS C 183 -6.07 -19.75 15.13
CA LYS C 183 -7.03 -19.05 15.97
C LYS C 183 -8.42 -19.22 15.39
N VAL C 184 -9.39 -19.48 16.27
CA VAL C 184 -10.74 -19.82 15.85
C VAL C 184 -11.71 -18.81 16.45
N GLU C 185 -12.85 -18.65 15.78
CA GLU C 185 -13.92 -17.78 16.21
C GLU C 185 -15.26 -18.47 16.05
N ARG C 186 -16.24 -17.97 16.80
CA ARG C 186 -17.58 -18.52 16.85
C ARG C 186 -18.57 -17.38 16.65
N ILE C 187 -19.42 -17.51 15.63
CA ILE C 187 -20.51 -16.58 15.38
C ILE C 187 -21.76 -17.41 15.16
N GLU C 188 -22.86 -17.03 15.81
CA GLU C 188 -24.07 -17.82 15.76
C GLU C 188 -25.24 -17.00 15.24
N TYR C 189 -26.15 -17.65 14.53
CA TYR C 189 -27.34 -16.98 14.05
C TYR C 189 -28.46 -18.00 13.89
N LYS C 190 -29.67 -17.62 14.27
CA LYS C 190 -30.83 -18.50 14.20
C LYS C 190 -31.96 -17.89 13.36
N LYS C 191 -32.70 -18.77 12.68
CA LYS C 191 -33.83 -18.38 11.85
C LYS C 191 -34.83 -17.52 12.61
N SER C 192 -35.49 -16.64 11.88
CA SER C 192 -36.56 -15.79 12.42
C SER C 192 -37.61 -16.62 13.15
N GLY D 10 4.74 -34.34 -14.53
CA GLY D 10 3.80 -34.59 -13.45
C GLY D 10 3.20 -33.34 -12.84
N ARG D 11 2.72 -33.47 -11.61
CA ARG D 11 2.16 -32.35 -10.84
C ARG D 11 3.34 -31.58 -10.25
N PHE D 12 3.59 -30.36 -10.72
CA PHE D 12 4.80 -29.64 -10.28
C PHE D 12 4.56 -28.30 -9.62
N ILE D 13 5.51 -27.97 -8.74
CA ILE D 13 5.52 -26.76 -7.94
C ILE D 13 6.96 -26.24 -7.95
N HIS D 14 7.11 -24.98 -7.53
CA HIS D 14 8.41 -24.34 -7.51
C HIS D 14 9.31 -24.84 -6.38
N LEU D 15 8.77 -25.01 -5.17
CA LEU D 15 9.61 -25.10 -3.96
C LEU D 15 10.34 -23.78 -3.80
N LEU D 16 9.61 -22.71 -4.10
CA LEU D 16 10.15 -21.36 -4.29
C LEU D 16 10.97 -20.77 -3.16
N ARG D 17 11.53 -19.59 -3.46
CA ARG D 17 12.38 -18.82 -2.56
C ARG D 17 11.74 -17.46 -2.38
N SER D 18 11.29 -17.18 -1.16
CA SER D 18 10.64 -15.92 -0.81
C SER D 18 11.61 -14.82 -0.38
N ASP D 19 12.87 -15.16 -0.12
CA ASP D 19 13.81 -14.19 0.45
C ASP D 19 14.15 -13.08 -0.54
N ASP D 20 14.86 -13.40 -1.61
CA ASP D 20 15.21 -12.23 -2.40
C ASP D 20 14.24 -12.04 -3.55
N PRO D 21 13.67 -10.85 -3.72
CA PRO D 21 12.79 -10.62 -4.88
C PRO D 21 13.54 -10.68 -6.21
N ASP D 22 14.72 -10.07 -6.27
CA ASP D 22 15.53 -10.03 -7.49
C ASP D 22 15.77 -11.42 -8.06
N GLN D 23 16.28 -12.34 -7.25
CA GLN D 23 16.70 -13.62 -7.80
C GLN D 23 15.51 -14.50 -8.17
N GLN D 24 14.41 -14.38 -7.43
CA GLN D 24 13.23 -15.17 -7.74
C GLN D 24 12.75 -14.91 -9.16
N TYR D 25 13.08 -13.74 -9.71
CA TYR D 25 12.77 -13.47 -11.11
C TYR D 25 13.58 -14.40 -12.02
N LEU D 26 14.89 -14.50 -11.76
CA LEU D 26 15.72 -15.34 -12.60
C LEU D 26 15.31 -16.81 -12.50
N ILE D 27 14.96 -17.27 -11.30
CA ILE D 27 14.56 -18.67 -11.15
C ILE D 27 13.32 -18.95 -11.99
N LEU D 28 12.33 -18.05 -11.96
CA LEU D 28 11.13 -18.22 -12.77
C LEU D 28 11.44 -18.18 -14.26
N ASN D 29 12.13 -17.12 -14.68
CA ASN D 29 12.51 -16.92 -16.08
C ASN D 29 13.19 -18.14 -16.67
N THR D 30 14.04 -18.79 -15.89
CA THR D 30 14.73 -19.95 -16.43
C THR D 30 13.97 -21.26 -16.26
N ALA D 31 13.19 -21.44 -15.19
CA ALA D 31 12.44 -22.68 -15.10
C ALA D 31 11.42 -22.75 -16.22
N ARG D 32 10.99 -21.59 -16.75
CA ARG D 32 10.07 -21.69 -17.87
C ARG D 32 10.74 -22.33 -19.07
N LYS D 33 12.08 -22.22 -19.17
CA LYS D 33 12.77 -22.82 -20.32
C LYS D 33 12.73 -24.34 -20.28
N HIS D 34 13.04 -24.92 -19.12
CA HIS D 34 12.84 -26.36 -18.92
C HIS D 34 11.41 -26.75 -19.22
N PHE D 35 10.44 -25.90 -18.87
CA PHE D 35 9.05 -26.27 -19.06
C PHE D 35 8.52 -26.06 -20.48
N GLY D 36 8.97 -25.02 -21.18
CA GLY D 36 8.49 -24.70 -22.52
C GLY D 36 8.84 -25.73 -23.58
N ALA D 37 9.92 -26.47 -23.39
CA ALA D 37 10.25 -27.57 -24.30
C ALA D 37 9.39 -28.80 -24.08
N GLY D 38 8.43 -28.74 -23.16
CA GLY D 38 7.58 -29.90 -22.92
C GLY D 38 6.70 -30.24 -24.11
N GLY D 39 6.09 -29.23 -24.73
CA GLY D 39 5.22 -29.42 -25.87
C GLY D 39 3.86 -28.81 -25.63
N ASN D 40 3.03 -28.86 -26.67
CA ASN D 40 1.68 -28.28 -26.61
C ASN D 40 0.70 -29.13 -25.80
N GLN D 41 1.18 -30.20 -25.16
CA GLN D 41 0.35 -31.02 -24.28
C GLN D 41 0.64 -30.72 -22.82
N ARG D 42 1.92 -30.68 -22.44
CA ARG D 42 2.29 -30.46 -21.05
C ARG D 42 2.18 -28.99 -20.62
N ILE D 43 2.45 -28.05 -21.52
CA ILE D 43 2.40 -26.63 -21.16
C ILE D 43 0.97 -26.23 -20.81
N ARG D 44 0.03 -27.16 -20.96
CA ARG D 44 -1.35 -26.95 -20.52
C ARG D 44 -1.41 -26.66 -19.02
N PHE D 45 -0.54 -27.28 -18.24
CA PHE D 45 -0.52 -27.10 -16.78
C PHE D 45 0.78 -26.49 -16.27
N THR D 46 1.63 -25.95 -17.15
CA THR D 46 2.98 -25.64 -16.72
C THR D 46 3.32 -24.16 -16.75
N LEU D 47 2.60 -23.35 -17.49
CA LEU D 47 2.82 -21.90 -17.47
C LEU D 47 1.84 -21.14 -16.58
N PRO D 48 0.61 -21.59 -16.35
CA PRO D 48 -0.29 -20.85 -15.42
C PRO D 48 0.31 -20.68 -14.03
N PRO D 49 0.87 -21.72 -13.41
CA PRO D 49 1.51 -21.48 -12.11
C PRO D 49 2.65 -20.49 -12.20
N LEU D 50 3.37 -20.49 -13.32
CA LEU D 50 4.49 -19.58 -13.49
C LEU D 50 3.99 -18.14 -13.61
N VAL D 51 2.84 -17.95 -14.26
CA VAL D 51 2.24 -16.64 -14.41
C VAL D 51 1.79 -16.10 -13.06
N PHE D 52 1.08 -16.93 -12.29
CA PHE D 52 0.66 -16.45 -10.98
C PHE D 52 1.86 -16.18 -10.08
N ALA D 53 2.94 -16.94 -10.24
CA ALA D 53 4.14 -16.63 -9.48
C ALA D 53 4.73 -15.31 -9.94
N ALA D 54 4.58 -14.99 -11.22
CA ALA D 54 5.05 -13.70 -11.72
C ALA D 54 4.27 -12.55 -11.09
N TYR D 55 2.94 -12.66 -11.04
CA TYR D 55 2.13 -11.60 -10.44
C TYR D 55 2.46 -11.43 -8.96
N GLN D 56 2.50 -12.56 -8.24
CA GLN D 56 2.86 -12.53 -6.82
C GLN D 56 4.22 -11.89 -6.62
N LEU D 57 5.18 -12.19 -7.51
CA LEU D 57 6.50 -11.59 -7.38
C LEU D 57 6.48 -10.10 -7.70
N ALA D 58 5.53 -9.66 -8.52
CA ALA D 58 5.41 -8.22 -8.76
C ALA D 58 4.92 -7.49 -7.50
N PHE D 59 3.89 -8.05 -6.85
CA PHE D 59 3.50 -7.49 -5.55
C PHE D 59 4.67 -7.52 -4.56
N ARG D 60 5.40 -8.64 -4.52
CA ARG D 60 6.52 -8.75 -3.60
C ARG D 60 7.62 -7.75 -3.94
N TYR D 61 7.75 -7.41 -5.22
CA TYR D 61 8.75 -6.44 -5.63
C TYR D 61 8.37 -5.05 -5.13
N LYS D 62 7.06 -4.76 -5.14
CA LYS D 62 6.63 -3.49 -4.56
C LYS D 62 6.77 -3.50 -3.04
N GLU D 63 6.69 -4.68 -2.42
CA GLU D 63 6.82 -4.74 -0.97
C GLU D 63 8.16 -4.20 -0.50
N ASN D 64 9.24 -4.54 -1.21
CA ASN D 64 10.57 -4.09 -0.84
C ASN D 64 11.03 -2.92 -1.69
N SER D 65 10.10 -2.04 -2.06
CA SER D 65 10.41 -0.85 -2.85
C SER D 65 11.31 0.12 -2.08
N GLN D 66 11.48 -0.09 -0.77
CA GLN D 66 12.35 0.78 0.01
C GLN D 66 13.80 0.49 -0.29
N MET D 67 14.13 -0.79 -0.53
CA MET D 67 15.50 -1.21 -0.80
C MET D 67 15.84 -1.08 -2.28
N ASP D 68 15.19 -1.88 -3.12
CA ASP D 68 15.49 -1.90 -4.54
C ASP D 68 15.05 -0.60 -5.20
N ASP D 69 15.93 -0.03 -6.02
CA ASP D 69 15.68 1.23 -6.71
C ASP D 69 15.24 1.04 -8.16
N LYS D 70 15.30 -0.18 -8.69
CA LYS D 70 14.87 -0.44 -10.06
C LYS D 70 13.68 -1.39 -10.09
N TRP D 71 12.92 -1.44 -8.99
CA TRP D 71 11.77 -2.33 -8.94
C TRP D 71 10.69 -1.88 -9.93
N GLU D 72 10.72 -0.61 -10.33
CA GLU D 72 9.82 -0.15 -11.39
C GLU D 72 10.17 -0.84 -12.69
N LYS D 73 11.43 -0.72 -13.10
CA LYS D 73 11.94 -1.40 -14.29
C LYS D 73 11.79 -2.90 -14.14
N LYS D 74 12.09 -3.41 -12.94
CA LYS D 74 12.00 -4.84 -12.71
C LYS D 74 10.55 -5.33 -12.81
N CYS D 75 9.58 -4.49 -12.40
CA CYS D 75 8.18 -4.87 -12.54
C CYS D 75 7.73 -4.84 -13.98
N GLN D 76 8.26 -3.90 -14.76
CA GLN D 76 7.98 -3.95 -16.19
C GLN D 76 8.57 -5.22 -16.79
N LYS D 77 9.74 -5.62 -16.30
CA LYS D 77 10.36 -6.86 -16.76
C LYS D 77 9.49 -8.07 -16.45
N ILE D 78 9.02 -8.17 -15.20
CA ILE D 78 8.25 -9.34 -14.81
C ILE D 78 6.92 -9.36 -15.54
N PHE D 79 6.28 -8.19 -15.70
CA PHE D 79 4.98 -8.18 -16.34
C PHE D 79 5.11 -8.45 -17.84
N SER D 80 6.20 -8.01 -18.46
CA SER D 80 6.47 -8.39 -19.85
C SER D 80 6.75 -9.88 -19.96
N PHE D 81 7.44 -10.44 -18.96
CA PHE D 81 7.66 -11.88 -18.94
C PHE D 81 6.33 -12.63 -18.85
N ALA D 82 5.38 -12.10 -18.08
CA ALA D 82 4.07 -12.74 -18.00
C ALA D 82 3.31 -12.58 -19.30
N HIS D 83 3.56 -11.49 -20.01
CA HIS D 83 3.00 -11.32 -21.35
C HIS D 83 3.47 -12.43 -22.28
N GLN D 84 4.80 -12.60 -22.39
CA GLN D 84 5.33 -13.65 -23.26
C GLN D 84 4.89 -15.04 -22.81
N THR D 85 4.87 -15.29 -21.50
CA THR D 85 4.52 -16.61 -21.00
C THR D 85 3.07 -16.94 -21.33
N ILE D 86 2.16 -15.97 -21.16
CA ILE D 86 0.76 -16.21 -21.48
C ILE D 86 0.56 -16.37 -22.98
N SER D 87 1.33 -15.61 -23.76
CA SER D 87 1.27 -15.72 -25.22
C SER D 87 1.74 -17.08 -25.70
N ALA D 88 2.72 -17.68 -25.01
CA ALA D 88 3.14 -19.03 -25.35
C ALA D 88 1.97 -19.99 -25.27
N LEU D 89 1.09 -19.81 -24.29
CA LEU D 89 -0.12 -20.60 -24.18
C LEU D 89 -1.06 -20.38 -25.37
N ILE D 90 -0.92 -19.24 -26.05
CA ILE D 90 -1.76 -18.97 -27.21
C ILE D 90 -1.32 -19.81 -28.41
N LYS D 91 -0.04 -20.17 -28.52
CA LYS D 91 0.38 -21.00 -29.65
C LYS D 91 -0.35 -22.33 -29.66
N ALA D 92 -0.70 -22.85 -28.48
CA ALA D 92 -1.55 -24.03 -28.41
C ALA D 92 -2.99 -23.58 -28.42
N GLU D 93 -3.84 -24.31 -29.16
CA GLU D 93 -5.26 -23.97 -29.23
C GLU D 93 -5.86 -23.96 -27.83
N LEU D 94 -5.61 -22.88 -27.09
CA LEU D 94 -6.07 -22.74 -25.72
C LEU D 94 -6.91 -21.47 -25.67
N ALA D 95 -8.19 -21.63 -25.33
CA ALA D 95 -9.16 -20.57 -25.60
C ALA D 95 -9.35 -19.66 -24.40
N GLU D 96 -9.95 -20.18 -23.33
CA GLU D 96 -10.36 -19.31 -22.23
C GLU D 96 -9.35 -19.20 -21.10
N LEU D 97 -8.35 -20.09 -21.01
CA LEU D 97 -7.44 -20.00 -19.87
C LEU D 97 -6.53 -18.77 -19.98
N PRO D 98 -5.88 -18.48 -21.12
CA PRO D 98 -5.08 -17.25 -21.18
C PRO D 98 -5.93 -16.01 -21.04
N LEU D 99 -7.24 -16.12 -21.26
CA LEU D 99 -8.16 -15.01 -21.03
C LEU D 99 -8.15 -14.59 -19.57
N ARG D 100 -8.46 -15.53 -18.66
CA ARG D 100 -8.43 -15.19 -17.24
C ARG D 100 -7.02 -14.82 -16.79
N LEU D 101 -5.99 -15.48 -17.34
CA LEU D 101 -4.66 -15.10 -16.92
C LEU D 101 -4.33 -13.67 -17.34
N PHE D 102 -4.86 -13.24 -18.50
CA PHE D 102 -4.63 -11.89 -18.98
C PHE D 102 -5.38 -10.88 -18.11
N LEU D 103 -6.60 -11.25 -17.72
CA LEU D 103 -7.39 -10.40 -16.83
C LEU D 103 -6.72 -10.24 -15.46
N GLN D 104 -6.20 -11.32 -14.91
CA GLN D 104 -5.53 -11.22 -13.62
C GLN D 104 -4.25 -10.40 -13.73
N GLY D 105 -3.55 -10.48 -14.85
CA GLY D 105 -2.40 -9.60 -15.05
C GLY D 105 -2.82 -8.16 -15.08
N ALA D 106 -3.97 -7.88 -15.71
CA ALA D 106 -4.49 -6.51 -15.73
C ALA D 106 -4.84 -6.03 -14.33
N LEU D 107 -5.51 -6.86 -13.54
CA LEU D 107 -5.83 -6.49 -12.16
C LEU D 107 -4.57 -6.19 -11.35
N ALA D 108 -3.57 -7.07 -11.47
CA ALA D 108 -2.33 -6.84 -10.73
C ALA D 108 -1.68 -5.53 -11.17
N ALA D 109 -1.61 -5.29 -12.48
CA ALA D 109 -1.01 -4.05 -12.97
C ALA D 109 -1.78 -2.83 -12.46
N GLY D 110 -3.10 -2.96 -12.34
CA GLY D 110 -3.89 -1.86 -11.81
C GLY D 110 -3.60 -1.59 -10.34
N GLU D 111 -3.36 -2.64 -9.56
CA GLU D 111 -3.12 -2.44 -8.13
C GLU D 111 -1.69 -2.01 -7.80
N ILE D 112 -0.69 -2.47 -8.55
CA ILE D 112 0.70 -2.16 -8.18
C ILE D 112 0.98 -0.68 -8.35
N GLY D 113 0.70 -0.13 -9.51
CA GLY D 113 0.94 1.29 -9.70
C GLY D 113 2.38 1.67 -9.96
N PHE D 114 3.12 0.83 -10.69
CA PHE D 114 4.49 1.18 -11.03
C PHE D 114 4.50 2.16 -12.20
N GLU D 115 5.70 2.62 -12.58
CA GLU D 115 5.79 3.53 -13.72
C GLU D 115 5.47 2.80 -15.01
N ASN D 116 4.70 3.47 -15.87
CA ASN D 116 4.28 2.92 -17.17
C ASN D 116 3.37 1.71 -16.98
N HIS D 117 2.68 1.65 -15.83
CA HIS D 117 1.78 0.54 -15.53
C HIS D 117 0.43 0.70 -16.20
N GLU D 118 0.05 1.94 -16.52
CA GLU D 118 -1.21 2.19 -17.20
C GLU D 118 -1.24 1.49 -18.55
N THR D 119 -0.17 1.67 -19.32
CA THR D 119 -0.06 1.03 -20.64
C THR D 119 -0.08 -0.48 -20.51
N VAL D 120 0.57 -1.02 -19.48
CA VAL D 120 0.63 -2.46 -19.29
C VAL D 120 -0.76 -3.03 -19.02
N ALA D 121 -1.50 -2.40 -18.11
CA ALA D 121 -2.85 -2.87 -17.82
C ALA D 121 -3.74 -2.74 -19.05
N TYR D 122 -3.59 -1.64 -19.79
CA TYR D 122 -4.37 -1.45 -21.01
C TYR D 122 -4.09 -2.53 -22.03
N GLU D 123 -2.82 -2.91 -22.18
CA GLU D 123 -2.44 -3.91 -23.15
C GLU D 123 -2.98 -5.28 -22.75
N PHE D 124 -2.94 -5.60 -21.45
CA PHE D 124 -3.50 -6.87 -20.99
C PHE D 124 -5.00 -6.94 -21.24
N MET D 125 -5.72 -5.84 -20.97
CA MET D 125 -7.16 -5.86 -21.24
C MET D 125 -7.47 -5.97 -22.72
N SER D 126 -6.70 -5.26 -23.56
CA SER D 126 -6.92 -5.34 -25.00
C SER D 126 -6.72 -6.76 -25.50
N GLN D 127 -5.69 -7.47 -24.99
CA GLN D 127 -5.48 -8.85 -25.41
C GLN D 127 -6.62 -9.74 -24.92
N ALA D 128 -7.15 -9.44 -23.73
CA ALA D 128 -8.31 -10.19 -23.26
C ALA D 128 -9.49 -10.03 -24.22
N PHE D 129 -9.75 -8.79 -24.65
CA PHE D 129 -10.86 -8.55 -25.58
C PHE D 129 -10.58 -9.21 -26.93
N SER D 130 -9.32 -9.22 -27.36
CA SER D 130 -8.96 -9.89 -28.59
C SER D 130 -9.26 -11.38 -28.49
N LEU D 131 -8.99 -11.98 -27.34
CA LEU D 131 -9.34 -13.38 -27.15
C LEU D 131 -10.85 -13.59 -27.08
N TYR D 132 -11.58 -12.57 -26.60
CA TYR D 132 -13.05 -12.68 -26.56
C TYR D 132 -13.63 -12.71 -27.97
N GLU D 133 -13.24 -11.77 -28.81
CA GLU D 133 -13.80 -11.75 -30.17
C GLU D 133 -13.23 -12.86 -31.04
N ASP D 134 -11.93 -13.13 -30.95
CA ASP D 134 -11.25 -14.01 -31.88
C ASP D 134 -11.76 -15.45 -31.84
N GLU D 135 -11.48 -16.19 -30.77
CA GLU D 135 -11.65 -17.64 -30.80
C GLU D 135 -12.75 -18.24 -29.92
N ILE D 136 -13.36 -17.48 -29.00
CA ILE D 136 -14.39 -18.03 -28.12
C ILE D 136 -15.77 -17.71 -28.68
N SER D 137 -16.57 -18.75 -28.93
CA SER D 137 -17.84 -18.62 -29.63
C SER D 137 -19.07 -19.16 -28.88
N ASP D 138 -18.91 -20.13 -27.97
CA ASP D 138 -20.08 -20.74 -27.34
C ASP D 138 -20.86 -19.71 -26.52
N SER D 139 -22.19 -19.74 -26.66
CA SER D 139 -23.04 -18.74 -26.00
C SER D 139 -22.88 -18.77 -24.49
N LYS D 140 -22.91 -19.96 -23.88
CA LYS D 140 -22.73 -20.04 -22.44
C LYS D 140 -21.34 -19.61 -22.04
N ALA D 141 -20.33 -20.07 -22.78
CA ALA D 141 -18.97 -19.64 -22.50
C ALA D 141 -18.77 -18.16 -22.82
N GLN D 142 -19.51 -17.66 -23.81
CA GLN D 142 -19.44 -16.23 -24.12
C GLN D 142 -19.96 -15.40 -22.97
N LEU D 143 -21.10 -15.79 -22.39
CA LEU D 143 -21.65 -15.04 -21.26
C LEU D 143 -20.70 -15.12 -20.07
N ALA D 144 -20.16 -16.31 -19.79
CA ALA D 144 -19.27 -16.45 -18.64
C ALA D 144 -18.05 -15.56 -18.81
N ALA D 145 -17.45 -15.57 -20.01
CA ALA D 145 -16.26 -14.78 -20.25
C ALA D 145 -16.57 -13.28 -20.17
N ILE D 146 -17.68 -12.83 -20.76
CA ILE D 146 -17.95 -11.41 -20.78
C ILE D 146 -18.26 -10.91 -19.37
N THR D 147 -18.96 -11.73 -18.57
CA THR D 147 -19.21 -11.32 -17.18
C THR D 147 -17.91 -11.25 -16.41
N LEU D 148 -16.97 -12.17 -16.70
CA LEU D 148 -15.65 -12.06 -16.05
C LEU D 148 -14.96 -10.76 -16.43
N ILE D 149 -15.02 -10.39 -17.71
CA ILE D 149 -14.36 -9.15 -18.14
C ILE D 149 -14.99 -7.95 -17.45
N ILE D 150 -16.32 -7.91 -17.38
CA ILE D 150 -16.98 -6.75 -16.77
C ILE D 150 -16.64 -6.66 -15.29
N GLY D 151 -16.68 -7.79 -14.58
CA GLY D 151 -16.33 -7.79 -13.18
C GLY D 151 -14.91 -7.34 -12.93
N THR D 152 -13.96 -7.93 -13.66
CA THR D 152 -12.56 -7.55 -13.52
C THR D 152 -12.36 -6.06 -13.79
N PHE D 153 -12.84 -5.59 -14.95
CA PHE D 153 -12.60 -4.20 -15.34
C PHE D 153 -13.26 -3.20 -14.39
N GLU D 154 -14.40 -3.57 -13.78
CA GLU D 154 -15.06 -2.67 -12.84
C GLU D 154 -14.17 -2.35 -11.64
N ARG D 155 -13.24 -3.24 -11.29
CA ARG D 155 -12.46 -3.12 -10.06
C ARG D 155 -11.20 -2.28 -10.22
N MET D 156 -10.76 -2.01 -11.44
CA MET D 156 -9.51 -1.27 -11.63
C MET D 156 -9.74 0.23 -11.54
N LYS D 157 -8.79 0.92 -10.91
CA LYS D 157 -8.83 2.34 -10.66
C LYS D 157 -7.51 3.00 -11.10
N CYS D 158 -6.96 2.54 -12.21
CA CYS D 158 -5.71 3.09 -12.73
C CYS D 158 -5.89 3.94 -13.98
N PHE D 159 -7.03 3.82 -14.66
CA PHE D 159 -7.21 4.46 -15.96
C PHE D 159 -7.63 5.92 -15.87
N SER D 160 -7.27 6.67 -16.88
CA SER D 160 -7.80 8.00 -17.11
C SER D 160 -9.00 7.86 -18.05
N GLU D 161 -9.83 8.89 -18.09
CA GLU D 161 -11.07 8.78 -18.84
C GLU D 161 -10.82 8.51 -20.32
N GLU D 162 -9.70 9.02 -20.86
CA GLU D 162 -9.39 8.78 -22.26
C GLU D 162 -9.19 7.29 -22.52
N ASN D 163 -8.45 6.61 -21.64
CA ASN D 163 -8.26 5.17 -21.75
C ASN D 163 -9.42 4.39 -21.13
N HIS D 164 -10.09 4.95 -20.13
CA HIS D 164 -11.20 4.23 -19.49
C HIS D 164 -12.39 4.10 -20.43
N GLU D 165 -12.64 5.10 -21.28
CA GLU D 165 -13.85 5.02 -22.07
C GLU D 165 -13.82 3.94 -23.14
N PRO D 166 -12.73 3.75 -23.90
CA PRO D 166 -12.77 2.74 -24.97
C PRO D 166 -13.08 1.34 -24.47
N LEU D 167 -12.44 0.91 -23.39
CA LEU D 167 -12.68 -0.43 -22.87
C LEU D 167 -14.09 -0.54 -22.34
N ARG D 168 -14.60 0.55 -21.77
CA ARG D 168 -15.98 0.60 -21.29
C ARG D 168 -16.96 0.40 -22.44
N THR D 169 -16.79 1.14 -23.53
CA THR D 169 -17.69 0.99 -24.67
C THR D 169 -17.54 -0.39 -25.30
N GLN D 170 -16.32 -0.92 -25.29
CA GLN D 170 -16.16 -2.27 -25.84
C GLN D 170 -16.82 -3.32 -24.95
N CYS D 171 -16.82 -3.11 -23.64
CA CYS D 171 -17.59 -3.99 -22.76
C CYS D 171 -19.07 -3.94 -23.13
N ALA D 172 -19.61 -2.73 -23.27
CA ALA D 172 -21.01 -2.57 -23.65
C ALA D 172 -21.31 -3.25 -24.98
N LEU D 173 -20.43 -3.03 -25.92
CA LEU D 173 -20.61 -3.57 -27.23
C LEU D 173 -20.65 -5.06 -27.21
N ALA D 174 -19.57 -5.66 -26.73
CA ALA D 174 -19.43 -7.11 -26.68
C ALA D 174 -20.62 -7.74 -25.97
N ALA D 175 -21.03 -7.17 -24.83
CA ALA D 175 -22.23 -7.64 -24.13
C ALA D 175 -23.47 -7.53 -25.02
N SER D 176 -23.51 -6.52 -25.88
CA SER D 176 -24.67 -6.31 -26.73
C SER D 176 -24.74 -7.25 -27.91
N LYS D 177 -23.64 -7.87 -28.33
CA LYS D 177 -23.69 -8.79 -29.46
C LYS D 177 -23.72 -10.25 -29.05
N LEU D 178 -24.36 -10.58 -27.92
CA LEU D 178 -24.48 -11.97 -27.53
C LEU D 178 -25.51 -12.68 -28.40
N LEU D 179 -25.42 -14.01 -28.42
CA LEU D 179 -26.29 -14.81 -29.26
C LEU D 179 -27.71 -14.75 -28.75
N LYS D 180 -27.97 -15.33 -27.58
CA LYS D 180 -29.32 -15.30 -27.04
C LYS D 180 -29.63 -13.92 -26.48
N LYS D 181 -30.91 -13.57 -26.50
CA LYS D 181 -31.36 -12.27 -26.04
C LYS D 181 -31.43 -12.16 -24.52
N PRO D 182 -31.88 -13.18 -23.79
CA PRO D 182 -31.82 -13.06 -22.32
C PRO D 182 -30.40 -12.89 -21.83
N ASP D 183 -29.46 -13.57 -22.47
CA ASP D 183 -28.06 -13.37 -22.15
C ASP D 183 -27.67 -11.92 -22.39
N GLN D 184 -28.12 -11.37 -23.51
CA GLN D 184 -27.87 -9.97 -23.84
C GLN D 184 -28.41 -9.05 -22.76
N GLY D 185 -29.64 -9.29 -22.32
CA GLY D 185 -30.23 -8.44 -21.29
C GLY D 185 -29.47 -8.50 -19.99
N ARG D 186 -29.02 -9.71 -19.61
CA ARG D 186 -28.28 -9.85 -18.37
C ARG D 186 -26.95 -9.10 -18.44
N ALA D 187 -26.24 -9.25 -19.56
CA ALA D 187 -24.95 -8.58 -19.71
C ALA D 187 -25.11 -7.06 -19.79
N VAL D 188 -26.12 -6.58 -20.53
CA VAL D 188 -26.32 -5.15 -20.65
C VAL D 188 -26.68 -4.55 -19.29
N SER D 189 -27.47 -5.28 -18.49
CA SER D 189 -27.75 -4.83 -17.13
C SER D 189 -26.49 -4.81 -16.29
N THR D 190 -25.66 -5.83 -16.46
CA THR D 190 -24.40 -5.89 -15.73
C THR D 190 -23.48 -4.73 -16.09
N CYS D 191 -23.63 -4.18 -17.30
CA CYS D 191 -22.71 -3.13 -17.74
C CYS D 191 -22.86 -1.80 -17.00
N ALA D 192 -23.99 -1.55 -16.34
CA ALA D 192 -24.20 -0.28 -15.64
C ALA D 192 -23.17 -0.05 -14.54
N HIS D 193 -22.64 -1.14 -13.97
CA HIS D 193 -21.70 -1.01 -12.86
C HIS D 193 -20.44 -0.26 -13.28
N LEU D 194 -20.10 -0.30 -14.57
CA LEU D 194 -18.93 0.43 -15.04
C LEU D 194 -19.16 1.93 -14.94
N PHE D 195 -20.38 2.37 -15.25
CA PHE D 195 -20.72 3.78 -15.18
C PHE D 195 -20.93 4.25 -13.74
N TRP D 196 -21.33 3.35 -12.84
CA TRP D 196 -21.55 3.78 -11.47
C TRP D 196 -20.36 3.45 -10.57
N SER D 197 -20.04 2.15 -10.44
CA SER D 197 -19.04 1.69 -9.48
C SER D 197 -17.61 1.95 -9.95
N GLY D 198 -17.31 1.68 -11.22
CA GLY D 198 -15.95 1.88 -11.71
C GLY D 198 -15.48 3.31 -11.49
N ARG D 199 -14.22 3.45 -11.07
CA ARG D 199 -13.59 4.75 -10.88
C ARG D 199 -12.60 5.04 -12.01
N ASN D 200 -12.02 6.24 -11.98
CA ASN D 200 -10.97 6.63 -12.93
C ASN D 200 -10.06 7.64 -12.24
N THR D 201 -8.85 7.82 -12.79
CA THR D 201 -7.88 8.71 -12.16
C THR D 201 -8.27 10.17 -12.28
N ASP D 202 -8.81 10.57 -13.44
CA ASP D 202 -9.14 11.98 -13.66
C ASP D 202 -10.26 12.47 -12.76
N LYS D 203 -11.05 11.56 -12.18
CA LYS D 203 -12.14 11.91 -11.28
C LYS D 203 -11.64 12.00 -9.83
N ASN D 204 -10.38 12.41 -9.64
CA ASN D 204 -9.73 12.52 -8.34
C ASN D 204 -9.75 11.19 -7.59
N GLY D 205 -9.92 10.09 -8.32
CA GLY D 205 -9.86 8.76 -7.72
C GLY D 205 -11.20 8.13 -7.42
N GLU D 206 -12.13 8.95 -6.93
CA GLU D 206 -13.43 8.48 -6.49
C GLU D 206 -14.32 8.14 -7.69
N GLU D 207 -15.43 7.48 -7.39
CA GLU D 207 -16.29 6.87 -8.39
C GLU D 207 -16.92 7.91 -9.32
N LEU D 208 -17.25 7.46 -10.54
CA LEU D 208 -17.83 8.34 -11.55
C LEU D 208 -19.20 8.87 -11.14
N HIS D 209 -20.05 8.00 -10.58
CA HIS D 209 -21.44 8.35 -10.24
C HIS D 209 -22.18 8.94 -11.44
N GLY D 210 -22.03 8.30 -12.59
CA GLY D 210 -22.80 8.70 -13.76
C GLY D 210 -24.23 8.26 -13.53
N GLY D 211 -25.03 9.13 -12.89
CA GLY D 211 -26.36 8.71 -12.45
C GLY D 211 -27.29 8.34 -13.59
N LYS D 212 -27.38 9.19 -14.60
CA LYS D 212 -28.24 8.88 -15.73
C LYS D 212 -27.53 7.96 -16.69
N ARG D 213 -26.20 7.88 -16.58
CA ARG D 213 -25.43 6.91 -17.33
C ARG D 213 -25.91 5.49 -17.08
N VAL D 214 -26.18 5.19 -15.82
CA VAL D 214 -26.59 3.86 -15.43
C VAL D 214 -27.93 3.52 -16.03
N MET D 215 -28.87 4.45 -15.96
CA MET D 215 -30.23 4.17 -16.39
C MET D 215 -30.34 3.92 -17.88
N GLU D 216 -29.54 4.56 -18.71
CA GLU D 216 -29.62 4.31 -20.14
C GLU D 216 -29.30 2.86 -20.41
N CYS D 217 -28.37 2.30 -19.66
CA CYS D 217 -28.07 0.88 -19.78
C CYS D 217 -29.22 0.02 -19.28
N LEU D 218 -29.68 0.26 -18.05
CA LEU D 218 -30.76 -0.57 -17.51
C LEU D 218 -32.01 -0.48 -18.35
N LYS D 219 -32.38 0.74 -18.74
CA LYS D 219 -33.52 0.92 -19.64
C LYS D 219 -33.23 0.30 -21.01
N LYS D 220 -31.96 0.22 -21.41
CA LYS D 220 -31.63 -0.45 -22.66
C LYS D 220 -31.74 -1.95 -22.50
N ALA D 221 -31.48 -2.48 -21.30
CA ALA D 221 -31.67 -3.90 -21.04
C ALA D 221 -33.14 -4.27 -21.07
N LEU D 222 -34.01 -3.39 -20.55
CA LEU D 222 -35.44 -3.64 -20.58
C LEU D 222 -35.95 -3.79 -22.00
N LYS D 223 -35.37 -3.03 -22.94
CA LYS D 223 -35.75 -3.16 -24.34
C LYS D 223 -35.48 -4.56 -24.86
N ILE D 224 -34.43 -5.22 -24.36
CA ILE D 224 -34.17 -6.61 -24.73
C ILE D 224 -35.21 -7.53 -24.09
N ALA D 225 -35.55 -7.29 -22.82
CA ALA D 225 -36.52 -8.15 -22.13
C ALA D 225 -37.87 -8.16 -22.85
N ASN D 226 -38.26 -7.06 -23.48
CA ASN D 226 -39.48 -7.06 -24.27
C ASN D 226 -39.37 -7.89 -25.55
N GLN D 227 -38.18 -8.42 -25.85
CA GLN D 227 -37.94 -9.19 -27.07
C GLN D 227 -37.61 -10.66 -26.78
N CYS D 228 -37.82 -11.13 -25.55
CA CYS D 228 -37.47 -12.51 -25.23
C CYS D 228 -38.47 -13.49 -25.84
N MET D 229 -39.73 -13.09 -25.99
CA MET D 229 -40.77 -13.96 -26.54
C MET D 229 -40.90 -15.25 -25.73
N ASP D 230 -40.74 -15.13 -24.41
CA ASP D 230 -40.80 -16.27 -23.50
C ASP D 230 -41.31 -15.75 -22.16
N PRO D 231 -42.59 -15.99 -21.83
CA PRO D 231 -43.19 -15.38 -20.64
C PRO D 231 -42.40 -15.56 -19.35
N SER D 232 -42.01 -16.79 -19.04
CA SER D 232 -41.28 -17.05 -17.79
C SER D 232 -39.97 -16.30 -17.77
N LEU D 233 -39.19 -16.41 -18.85
CA LEU D 233 -37.89 -15.75 -18.93
C LEU D 233 -38.05 -14.24 -19.00
N GLN D 234 -39.07 -13.76 -19.70
CA GLN D 234 -39.39 -12.33 -19.72
C GLN D 234 -39.56 -11.81 -18.31
N VAL D 235 -40.44 -12.45 -17.54
CA VAL D 235 -40.73 -11.99 -16.19
C VAL D 235 -39.49 -12.08 -15.33
N GLN D 236 -38.72 -13.16 -15.46
CA GLN D 236 -37.52 -13.35 -14.65
C GLN D 236 -36.51 -12.22 -14.89
N LEU D 237 -36.27 -11.91 -16.16
CA LEU D 237 -35.36 -10.82 -16.48
C LEU D 237 -35.90 -9.51 -15.93
N PHE D 238 -37.22 -9.32 -15.97
CA PHE D 238 -37.82 -8.11 -15.42
C PHE D 238 -37.52 -7.96 -13.92
N ILE D 239 -37.68 -9.03 -13.14
CA ILE D 239 -37.36 -8.88 -11.72
C ILE D 239 -35.88 -8.56 -11.54
N GLU D 240 -35.02 -9.16 -12.37
CA GLU D 240 -33.60 -8.87 -12.23
C GLU D 240 -33.30 -7.38 -12.48
N ILE D 241 -33.79 -6.82 -13.58
CA ILE D 241 -33.56 -5.40 -13.84
C ILE D 241 -34.17 -4.53 -12.74
N LEU D 242 -35.36 -4.90 -12.24
CA LEU D 242 -35.96 -4.13 -11.15
C LEU D 242 -35.05 -4.12 -9.94
N ASN D 243 -34.48 -5.28 -9.61
CA ASN D 243 -33.62 -5.38 -8.46
C ASN D 243 -32.32 -4.60 -8.66
N ARG D 244 -31.87 -4.47 -9.90
CA ARG D 244 -30.72 -3.62 -10.16
C ARG D 244 -31.08 -2.15 -9.95
N TYR D 245 -32.29 -1.77 -10.36
CA TYR D 245 -32.77 -0.42 -10.09
C TYR D 245 -32.78 -0.16 -8.59
N ILE D 246 -33.26 -1.14 -7.83
CA ILE D 246 -33.29 -1.00 -6.37
C ILE D 246 -31.89 -0.86 -5.81
N TYR D 247 -30.94 -1.65 -6.33
CA TYR D 247 -29.58 -1.61 -5.83
C TYR D 247 -28.99 -0.22 -6.05
N PHE D 248 -29.17 0.34 -7.25
CA PHE D 248 -28.61 1.66 -7.52
C PHE D 248 -29.35 2.75 -6.74
N TYR D 249 -30.67 2.62 -6.57
CA TYR D 249 -31.41 3.64 -5.82
C TYR D 249 -31.00 3.65 -4.35
N GLU D 250 -30.72 2.47 -3.79
CA GLU D 250 -30.33 2.38 -2.39
C GLU D 250 -28.91 2.86 -2.17
N LYS D 251 -28.15 3.12 -3.24
CA LYS D 251 -26.82 3.69 -3.15
C LYS D 251 -26.83 5.16 -3.56
N GLU D 252 -27.97 5.83 -3.39
CA GLU D 252 -28.16 7.25 -3.67
C GLU D 252 -27.83 7.58 -5.12
N ASN D 253 -28.57 6.94 -6.02
CA ASN D 253 -28.54 7.30 -7.44
C ASN D 253 -29.79 8.14 -7.68
N ASP D 254 -29.63 9.46 -7.56
CA ASP D 254 -30.76 10.38 -7.63
C ASP D 254 -31.54 10.24 -8.92
N ALA D 255 -30.96 9.66 -9.96
CA ALA D 255 -31.65 9.57 -11.24
C ALA D 255 -32.51 8.34 -11.36
N VAL D 256 -32.68 7.57 -10.29
CA VAL D 256 -33.52 6.37 -10.31
C VAL D 256 -34.80 6.78 -9.59
N THR D 257 -35.72 7.35 -10.37
CA THR D 257 -36.95 7.90 -9.82
C THR D 257 -37.89 6.79 -9.36
N ILE D 258 -38.66 7.09 -8.31
CA ILE D 258 -39.65 6.15 -7.80
C ILE D 258 -40.66 5.76 -8.87
N GLN D 259 -40.88 6.63 -9.84
CA GLN D 259 -41.84 6.34 -10.90
C GLN D 259 -41.39 5.13 -11.72
N VAL D 260 -40.09 5.00 -11.96
CA VAL D 260 -39.60 3.85 -12.72
C VAL D 260 -39.81 2.56 -11.93
N LEU D 261 -39.56 2.60 -10.62
CA LEU D 261 -39.80 1.44 -9.77
C LEU D 261 -41.26 1.02 -9.80
N ASN D 262 -42.17 1.97 -9.59
CA ASN D 262 -43.59 1.63 -9.55
C ASN D 262 -44.04 1.05 -10.88
N GLN D 263 -43.62 1.67 -11.99
CA GLN D 263 -44.08 1.18 -13.28
C GLN D 263 -43.52 -0.20 -13.56
N LEU D 264 -42.26 -0.45 -13.20
CA LEU D 264 -41.70 -1.77 -13.47
C LEU D 264 -42.35 -2.86 -12.62
N ILE D 265 -42.61 -2.57 -11.34
CA ILE D 265 -43.20 -3.63 -10.51
C ILE D 265 -44.63 -3.91 -10.95
N GLN D 266 -45.36 -2.89 -11.41
CA GLN D 266 -46.70 -3.16 -11.90
C GLN D 266 -46.66 -3.91 -13.22
N LYS D 267 -45.72 -3.57 -14.10
CA LYS D 267 -45.59 -4.33 -15.34
C LYS D 267 -45.29 -5.79 -15.03
N ILE D 268 -44.55 -6.05 -13.95
CA ILE D 268 -44.32 -7.43 -13.56
C ILE D 268 -45.60 -8.07 -13.07
N ARG D 269 -46.40 -7.34 -12.28
CA ARG D 269 -47.68 -7.89 -11.82
C ARG D 269 -48.62 -8.21 -12.99
N GLU D 270 -48.49 -7.48 -14.11
CA GLU D 270 -49.39 -7.71 -15.24
C GLU D 270 -49.26 -9.13 -15.80
N ASP D 271 -48.04 -9.58 -16.05
CA ASP D 271 -47.79 -10.86 -16.70
C ASP D 271 -47.10 -11.87 -15.78
N LEU D 272 -47.41 -11.81 -14.49
CA LEU D 272 -47.04 -12.86 -13.56
C LEU D 272 -48.10 -13.96 -13.56
N PRO D 273 -49.40 -13.65 -13.34
CA PRO D 273 -50.42 -14.72 -13.40
C PRO D 273 -50.55 -15.41 -14.75
N ASN D 274 -49.94 -14.89 -15.81
CA ASN D 274 -50.03 -15.48 -17.14
C ASN D 274 -48.99 -16.57 -17.30
N LEU D 275 -48.56 -17.13 -16.18
CA LEU D 275 -47.59 -18.21 -16.15
C LEU D 275 -48.26 -19.45 -15.59
N GLU D 276 -47.66 -20.59 -15.89
CA GLU D 276 -48.20 -21.86 -15.48
C GLU D 276 -47.44 -22.36 -14.28
N SER D 277 -48.17 -22.94 -13.31
CA SER D 277 -47.57 -23.38 -12.06
C SER D 277 -46.46 -24.40 -12.32
N SER D 278 -45.41 -24.32 -11.51
CA SER D 278 -44.22 -25.15 -11.65
C SER D 278 -43.24 -24.69 -10.57
N GLU D 279 -42.17 -25.46 -10.40
CA GLU D 279 -41.14 -25.05 -9.46
C GLU D 279 -40.49 -23.75 -9.91
N GLU D 280 -40.16 -23.64 -11.20
CA GLU D 280 -39.59 -22.39 -11.72
C GLU D 280 -40.53 -21.21 -11.51
N THR D 281 -41.81 -21.37 -11.83
CA THR D 281 -42.74 -20.25 -11.65
C THR D 281 -42.95 -19.94 -10.17
N GLU D 282 -42.96 -20.96 -9.32
CA GLU D 282 -43.04 -20.74 -7.87
C GLU D 282 -41.79 -20.03 -7.36
N GLN D 283 -40.64 -20.34 -7.97
CA GLN D 283 -39.38 -19.68 -7.67
C GLN D 283 -39.46 -18.21 -8.04
N ILE D 284 -39.98 -17.92 -9.24
CA ILE D 284 -40.13 -16.54 -9.70
C ILE D 284 -41.05 -15.76 -8.79
N ASN D 285 -42.17 -16.37 -8.38
CA ASN D 285 -43.07 -15.69 -7.46
C ASN D 285 -42.38 -15.35 -6.16
N LYS D 286 -41.55 -16.25 -5.64
CA LYS D 286 -40.84 -15.93 -4.41
C LYS D 286 -39.75 -14.89 -4.66
N HIS D 287 -39.14 -14.90 -5.84
CA HIS D 287 -38.15 -13.87 -6.19
C HIS D 287 -38.78 -12.48 -6.14
N PHE D 288 -39.91 -12.33 -6.83
CA PHE D 288 -40.63 -11.06 -6.85
C PHE D 288 -41.11 -10.68 -5.46
N HIS D 289 -41.77 -11.61 -4.77
CA HIS D 289 -42.27 -11.33 -3.42
C HIS D 289 -41.14 -11.00 -2.43
N ASN D 290 -39.95 -11.59 -2.59
CA ASN D 290 -38.82 -11.19 -1.75
C ASN D 290 -38.37 -9.78 -2.08
N THR D 291 -38.38 -9.42 -3.35
CA THR D 291 -38.05 -8.05 -3.72
C THR D 291 -39.04 -7.08 -3.07
N LEU D 292 -40.34 -7.38 -3.19
CA LEU D 292 -41.37 -6.55 -2.57
C LEU D 292 -41.26 -6.55 -1.04
N GLU D 293 -40.93 -7.70 -0.44
CA GLU D 293 -40.80 -7.79 1.01
C GLU D 293 -39.62 -6.97 1.51
N HIS D 294 -38.56 -6.86 0.71
CA HIS D 294 -37.48 -5.93 1.02
C HIS D 294 -37.97 -4.50 0.87
N LEU D 295 -38.69 -4.20 -0.21
CA LEU D 295 -39.19 -2.85 -0.43
C LEU D 295 -40.04 -2.37 0.74
N ARG D 296 -40.97 -3.20 1.21
CA ARG D 296 -41.79 -2.85 2.37
C ARG D 296 -40.95 -2.71 3.63
N SER D 297 -39.84 -3.44 3.71
CA SER D 297 -38.97 -3.34 4.87
C SER D 297 -38.46 -1.91 5.05
N ARG D 298 -37.91 -1.33 3.98
CA ARG D 298 -37.39 0.04 4.10
C ARG D 298 -38.51 1.03 3.77
N ARG D 299 -39.48 1.02 4.67
CA ARG D 299 -40.66 1.89 4.70
C ARG D 299 -41.20 1.62 6.09
N GLU D 300 -40.92 2.56 7.01
CA GLU D 300 -40.94 2.45 8.46
C GLU D 300 -39.49 2.36 8.94
N SER D 301 -38.61 3.20 8.36
CA SER D 301 -37.19 3.18 8.68
C SER D 301 -36.78 4.66 8.49
N PRO D 302 -35.48 5.14 8.60
CA PRO D 302 -35.28 6.60 8.51
C PRO D 302 -35.25 7.21 7.10
N GLU D 303 -36.41 7.62 6.59
CA GLU D 303 -36.50 8.47 5.41
C GLU D 303 -35.97 7.82 4.14
N SER D 304 -36.80 7.04 3.46
CA SER D 304 -36.50 6.51 2.13
C SER D 304 -37.80 6.10 1.46
N GLU D 305 -37.72 5.95 0.14
CA GLU D 305 -38.82 5.47 -0.69
C GLU D 305 -40.02 6.43 -0.68
N GLY D 306 -41.18 5.90 -0.32
CA GLY D 306 -42.45 6.57 -0.52
C GLY D 306 -43.06 6.31 -1.90
N PRO D 307 -43.16 5.02 -2.31
CA PRO D 307 -43.80 4.73 -3.59
C PRO D 307 -45.16 4.10 -3.36
N ILE D 308 -45.50 3.11 -4.17
CA ILE D 308 -46.74 2.38 -3.99
C ILE D 308 -46.53 0.90 -4.33
N PHE E 4 22.09 39.69 -11.85
CA PHE E 4 22.25 38.25 -11.91
C PHE E 4 21.51 37.60 -13.06
N ASP E 5 21.93 36.38 -13.37
CA ASP E 5 21.37 35.61 -14.46
C ASP E 5 20.36 34.59 -13.96
N ASP E 6 19.75 33.88 -14.90
CA ASP E 6 18.68 32.93 -14.62
C ASP E 6 18.31 32.10 -15.83
N PRO E 7 18.12 30.79 -15.68
CA PRO E 7 17.48 30.02 -16.74
C PRO E 7 15.98 30.26 -16.80
N LEU E 8 15.47 31.09 -15.89
CA LEU E 8 14.05 31.40 -15.74
C LEU E 8 13.88 32.91 -15.91
N ASN E 9 13.17 33.57 -15.00
CA ASN E 9 12.91 35.00 -15.09
C ASN E 9 13.68 35.75 -14.01
N ALA E 10 13.55 37.06 -14.03
CA ALA E 10 14.25 37.92 -13.08
C ALA E 10 13.46 38.13 -11.80
N ASP F 5 -15.39 -25.16 24.80
CA ASP F 5 -15.96 -25.06 23.46
C ASP F 5 -14.97 -25.51 22.39
N ASP F 6 -15.37 -25.31 21.13
CA ASP F 6 -14.72 -25.67 19.86
C ASP F 6 -15.17 -27.10 19.56
N PRO F 7 -15.71 -27.37 18.36
CA PRO F 7 -16.09 -28.75 18.01
C PRO F 7 -14.96 -29.59 17.47
N LEU F 8 -13.77 -29.04 17.33
CA LEU F 8 -12.68 -29.80 16.74
C LEU F 8 -11.52 -29.90 17.72
N ASN F 9 -10.31 -29.68 17.25
CA ASN F 9 -9.13 -29.87 18.08
C ASN F 9 -8.50 -28.51 18.40
N ALA F 10 -7.46 -28.55 19.24
CA ALA F 10 -6.81 -27.35 19.74
C ALA F 10 -5.77 -26.85 18.74
C1 GOL G . 16.55 23.32 26.02
O1 GOL G . 16.02 23.90 24.86
C2 GOL G . 16.38 24.32 27.21
O2 GOL G . 15.33 25.21 27.03
C3 GOL G . 16.16 23.42 28.46
O3 GOL G . 17.41 23.10 28.98
C1 GOL H . 11.26 4.26 27.38
O1 GOL H . 11.54 5.03 28.51
C2 GOL H . 10.37 3.08 27.83
O2 GOL H . 9.65 3.35 29.00
C3 GOL H . 9.44 2.80 26.63
O3 GOL H . 8.51 1.84 27.01
C1 PEG I . -27.73 -15.24 -11.97
O1 PEG I . -26.88 -15.18 -10.82
C2 PEG I . -28.37 -16.58 -12.09
O2 PEG I . -29.02 -16.70 -13.36
C3 PEG I . -28.83 -17.97 -13.96
C4 PEG I . -30.12 -18.46 -14.53
O4 PEG I . -31.16 -18.47 -13.57
C ACT J . -1.59 -34.60 -14.67
O ACT J . -1.29 -35.45 -13.78
OXT ACT J . -1.95 -34.81 -15.86
CH3 ACT J . -1.51 -33.10 -14.22
C1 PEG K . -26.02 -1.81 -25.78
O1 PEG K . -27.08 -1.39 -26.64
C2 PEG K . -26.14 -1.14 -24.44
O2 PEG K . -24.85 -0.75 -23.99
C3 PEG K . -24.85 0.54 -23.37
C4 PEG K . -25.36 1.59 -24.31
O4 PEG K . -25.39 2.86 -23.70
#